data_6DSP
#
_entry.id   6DSP
#
_cell.length_a   90.780
_cell.length_b   90.780
_cell.length_c   182.810
_cell.angle_alpha   90.000
_cell.angle_beta   90.000
_cell.angle_gamma   90.000
#
_symmetry.space_group_name_H-M   'P 43 2 2'
#
loop_
_entity.id
_entity.type
_entity.pdbx_description
1 polymer 'Autoinducer 2-binding protein LsrB'
2 non-polymer (2R,4S)-2-methyl-2,3,3,4-tetrahydroxytetrahydrofuran
3 water water
#
_entity_poly.entity_id   1
_entity_poly.type   'polypeptide(L)'
_entity_poly.pdbx_seq_one_letter_code
;GSFTSSNTTTDTSTNSSKKGNVTVTFIPKLTGNAFFESANKGAQKYSEQWGFKVDYEGDANASAASQVSVINKAVQQGTN
AICLSSVDAAGVKDALKAAADAGVTVTTWDSDVDPSVRKVMVSQGTPEQLGQMLVQMGYDSLKERGKDPEKDAIKYCWHY
SNATVTDQNSWQVEGEKYIKSKYPNWQNVAPDNYYSNQDAEQAISVGESILSAHSDIDLIICNDSTALPGQAQAAQNKGL
TAKNVTITGFASPNSMKQYCNDGILTRWGLWDCGIQGAMGCYMAYYIASGNSVKVGDKIEIPTVGTVEVMPNSVLDPKAD
DSDTSSGVVLLPERTIFTKDNMNNYDF
;
_entity_poly.pdbx_strand_id   A,B
#
loop_
_chem_comp.id
_chem_comp.type
_chem_comp.name
_chem_comp.formula
PAV L-saccharide, alpha linking (2R,4S)-2-methyl-2,3,3,4-tetrahydroxytetrahydrofuran 'C5 H10 O5'
#
# COMPACT_ATOMS: atom_id res chain seq x y z
N VAL A 22 -17.40 23.78 -21.74
CA VAL A 22 -16.38 22.77 -21.44
C VAL A 22 -16.50 22.33 -20.00
N THR A 23 -16.39 21.03 -19.76
CA THR A 23 -16.29 20.47 -18.43
C THR A 23 -14.95 19.76 -18.29
N VAL A 24 -14.23 20.11 -17.23
CA VAL A 24 -13.01 19.41 -16.81
C VAL A 24 -13.33 18.59 -15.57
N THR A 25 -13.03 17.29 -15.61
CA THR A 25 -13.16 16.42 -14.43
C THR A 25 -11.84 16.48 -13.67
N PHE A 26 -11.90 16.97 -12.44
CA PHE A 26 -10.71 17.19 -11.61
C PHE A 26 -10.66 16.05 -10.61
N ILE A 27 -9.61 15.22 -10.71
CA ILE A 27 -9.54 13.98 -9.96
C ILE A 27 -8.37 14.05 -8.98
N PRO A 28 -8.63 13.94 -7.67
CA PRO A 28 -7.57 13.96 -6.67
C PRO A 28 -7.08 12.53 -6.40
N LYS A 29 -5.98 12.43 -5.65
CA LYS A 29 -5.57 11.10 -5.21
C LYS A 29 -6.62 10.47 -4.31
N LEU A 30 -7.31 11.27 -3.50
CA LEU A 30 -8.47 10.88 -2.72
C LEU A 30 -9.19 12.15 -2.30
N THR A 31 -10.50 12.03 -2.07
CA THR A 31 -11.24 13.15 -1.51
C THR A 31 -11.12 13.16 0.01
N GLY A 32 -11.50 14.27 0.64
CA GLY A 32 -11.53 14.29 2.10
C GLY A 32 -10.19 14.36 2.80
N ASN A 33 -9.13 14.64 2.08
CA ASN A 33 -7.84 15.05 2.60
C ASN A 33 -7.70 16.54 2.30
N ALA A 34 -7.18 17.28 3.27
CA ALA A 34 -7.20 18.74 3.19
C ALA A 34 -6.48 19.27 1.95
N PHE A 35 -5.37 18.63 1.54
CA PHE A 35 -4.64 19.10 0.36
C PHE A 35 -5.56 19.13 -0.85
N PHE A 36 -6.32 18.06 -1.05
CA PHE A 36 -7.14 17.92 -2.23
C PHE A 36 -8.40 18.75 -2.13
N GLU A 37 -8.96 18.87 -0.93
CA GLU A 37 -10.11 19.74 -0.77
C GLU A 37 -9.75 21.19 -1.02
N SER A 38 -8.59 21.63 -0.52
CA SER A 38 -8.14 23.00 -0.77
C SER A 38 -7.81 23.22 -2.24
N ALA A 39 -7.24 22.21 -2.90
CA ALA A 39 -6.95 22.37 -4.32
C ALA A 39 -8.25 22.54 -5.10
N ASN A 40 -9.28 21.76 -4.74
CA ASN A 40 -10.54 21.92 -5.45
C ASN A 40 -11.19 23.26 -5.13
N LYS A 41 -11.05 23.75 -3.90
CA LYS A 41 -11.63 25.07 -3.63
C LYS A 41 -11.05 26.11 -4.58
N GLY A 42 -9.74 26.00 -4.86
CA GLY A 42 -9.13 26.90 -5.82
C GLY A 42 -9.61 26.66 -7.24
N ALA A 43 -9.68 25.39 -7.65
CA ALA A 43 -10.17 25.12 -8.99
C ALA A 43 -11.58 25.64 -9.19
N GLN A 44 -12.44 25.50 -8.17
CA GLN A 44 -13.80 25.99 -8.31
C GLN A 44 -13.83 27.51 -8.41
N LYS A 45 -13.08 28.21 -7.54
CA LYS A 45 -13.09 29.66 -7.54
C LYS A 45 -12.62 30.21 -8.90
N TYR A 46 -11.52 29.70 -9.42
CA TYR A 46 -10.99 30.25 -10.66
C TYR A 46 -11.83 29.85 -11.86
N SER A 47 -12.29 28.61 -11.92
CA SER A 47 -13.08 28.21 -13.09
C SER A 47 -14.38 28.99 -13.17
N GLU A 48 -14.95 29.40 -12.03
CA GLU A 48 -16.14 30.24 -12.08
C GLU A 48 -15.83 31.55 -12.79
N GLN A 49 -14.66 32.13 -12.53
CA GLN A 49 -14.26 33.35 -13.21
C GLN A 49 -13.92 33.11 -14.67
N TRP A 50 -13.34 31.96 -14.99
CA TRP A 50 -12.94 31.66 -16.36
C TRP A 50 -14.09 31.22 -17.24
N GLY A 51 -15.20 30.80 -16.66
CA GLY A 51 -16.36 30.43 -17.45
C GLY A 51 -16.44 28.99 -17.91
N PHE A 52 -15.89 28.05 -17.15
CA PHE A 52 -16.08 26.63 -17.47
C PHE A 52 -16.31 25.88 -16.18
N LYS A 53 -16.77 24.65 -16.31
CA LYS A 53 -17.13 23.82 -15.17
C LYS A 53 -15.98 22.88 -14.80
N VAL A 54 -15.72 22.77 -13.50
CA VAL A 54 -14.83 21.76 -12.96
C VAL A 54 -15.68 20.81 -12.12
N ASP A 55 -15.73 19.54 -12.55
CA ASP A 55 -16.44 18.50 -11.82
C ASP A 55 -15.43 17.72 -10.97
N TYR A 56 -15.45 17.97 -9.67
CA TYR A 56 -14.53 17.30 -8.75
C TYR A 56 -15.04 15.90 -8.47
N GLU A 57 -14.25 14.89 -8.81
CA GLU A 57 -14.68 13.50 -8.67
C GLU A 57 -13.51 12.66 -8.17
N GLY A 58 -13.74 11.89 -7.12
CA GLY A 58 -12.72 11.01 -6.60
C GLY A 58 -13.33 9.96 -5.72
N ASP A 59 -12.52 9.46 -4.80
CA ASP A 59 -12.92 8.40 -3.88
C ASP A 59 -12.27 8.66 -2.53
N ALA A 60 -12.87 8.15 -1.46
CA ALA A 60 -12.32 8.34 -0.12
C ALA A 60 -11.00 7.60 0.10
N ASN A 61 -10.70 6.59 -0.72
CA ASN A 61 -9.48 5.80 -0.59
C ASN A 61 -8.56 6.15 -1.74
N ALA A 62 -7.26 6.19 -1.43
CA ALA A 62 -6.25 6.40 -2.46
C ALA A 62 -6.02 5.04 -3.11
N SER A 63 -6.57 4.84 -4.30
CA SER A 63 -6.57 3.52 -4.93
C SER A 63 -6.54 3.67 -6.44
N ALA A 64 -5.56 3.03 -7.12
CA ALA A 64 -5.51 3.13 -8.58
C ALA A 64 -6.78 2.56 -9.21
N ALA A 65 -7.27 1.42 -8.69
CA ALA A 65 -8.51 0.85 -9.22
C ALA A 65 -9.67 1.84 -9.07
N SER A 66 -9.74 2.55 -7.95
CA SER A 66 -10.79 3.54 -7.81
C SER A 66 -10.61 4.65 -8.82
N GLN A 67 -9.37 5.11 -9.04
CA GLN A 67 -9.17 6.19 -10.00
C GLN A 67 -9.55 5.75 -11.42
N VAL A 68 -9.26 4.49 -11.78
CA VAL A 68 -9.69 3.99 -13.08
C VAL A 68 -11.21 4.10 -13.20
N SER A 69 -11.93 3.71 -12.13
CA SER A 69 -13.38 3.77 -12.20
C SER A 69 -13.85 5.21 -12.37
N VAL A 70 -13.21 6.15 -11.66
CA VAL A 70 -13.60 7.55 -11.78
C VAL A 70 -13.34 8.06 -13.20
N ILE A 71 -12.16 7.73 -13.76
CA ILE A 71 -11.83 8.12 -15.13
C ILE A 71 -12.86 7.55 -16.11
N ASN A 72 -13.11 6.23 -16.04
CA ASN A 72 -14.05 5.59 -16.97
C ASN A 72 -15.42 6.23 -16.89
N LYS A 73 -15.92 6.49 -15.68
CA LYS A 73 -17.26 7.06 -15.55
C LYS A 73 -17.30 8.46 -16.15
N ALA A 74 -16.25 9.26 -15.93
CA ALA A 74 -16.22 10.61 -16.48
C ALA A 74 -16.19 10.57 -18.00
N VAL A 75 -15.43 9.63 -18.56
CA VAL A 75 -15.39 9.47 -20.01
C VAL A 75 -16.78 9.10 -20.51
N GLN A 76 -17.41 8.13 -19.85
CA GLN A 76 -18.73 7.65 -20.29
C GLN A 76 -19.75 8.77 -20.28
N GLN A 77 -19.63 9.69 -19.34
CA GLN A 77 -20.55 10.80 -19.21
C GLN A 77 -20.26 11.94 -20.17
N GLY A 78 -19.21 11.82 -20.98
CA GLY A 78 -18.94 12.83 -21.98
C GLY A 78 -18.13 14.01 -21.49
N THR A 79 -17.30 13.83 -20.45
CA THR A 79 -16.48 14.94 -20.03
C THR A 79 -15.56 15.34 -21.18
N ASN A 80 -15.18 16.61 -21.19
CA ASN A 80 -14.27 17.06 -22.24
C ASN A 80 -12.82 16.89 -21.89
N ALA A 81 -12.49 16.87 -20.61
CA ALA A 81 -11.10 16.85 -20.19
C ALA A 81 -11.03 16.26 -18.80
N ILE A 82 -9.84 15.75 -18.46
CA ILE A 82 -9.52 15.24 -17.13
C ILE A 82 -8.24 15.93 -16.70
N CYS A 83 -8.19 16.32 -15.43
CA CYS A 83 -6.94 16.75 -14.79
C CYS A 83 -6.79 15.91 -13.53
N LEU A 84 -5.82 15.00 -13.55
CA LEU A 84 -5.67 13.91 -12.58
C LEU A 84 -4.38 14.03 -11.78
N SER A 85 -4.47 13.77 -10.49
CA SER A 85 -3.29 13.48 -9.67
C SER A 85 -3.30 11.98 -9.36
N SER A 86 -2.29 11.28 -9.84
CA SER A 86 -2.28 9.82 -9.86
C SER A 86 -1.68 9.21 -8.60
N VAL A 87 -2.37 8.19 -8.04
CA VAL A 87 -1.80 7.43 -6.93
C VAL A 87 -0.80 6.38 -7.40
N ASP A 88 -0.88 5.95 -8.65
CA ASP A 88 0.01 4.96 -9.25
C ASP A 88 -0.10 5.12 -10.75
N ALA A 89 0.99 5.53 -11.39
CA ALA A 89 0.90 5.85 -12.81
C ALA A 89 0.55 4.62 -13.62
N ALA A 90 1.21 3.49 -13.36
CA ALA A 90 1.01 2.33 -14.20
C ALA A 90 -0.45 1.89 -14.16
N GLY A 91 -1.08 2.02 -13.00
CA GLY A 91 -2.46 1.55 -12.83
C GLY A 91 -3.51 2.40 -13.49
N VAL A 92 -3.17 3.57 -14.02
CA VAL A 92 -4.15 4.35 -14.76
C VAL A 92 -3.78 4.53 -16.21
N LYS A 93 -2.66 3.95 -16.66
CA LYS A 93 -2.22 4.17 -18.03
C LYS A 93 -3.29 3.75 -19.05
N ASP A 94 -3.82 2.53 -18.93
CA ASP A 94 -4.80 2.04 -19.91
C ASP A 94 -6.07 2.89 -19.89
N ALA A 95 -6.55 3.28 -18.71
CA ALA A 95 -7.76 4.09 -18.66
C ALA A 95 -7.53 5.44 -19.32
N LEU A 96 -6.33 6.02 -19.17
CA LEU A 96 -6.06 7.33 -19.78
C LEU A 96 -5.88 7.20 -21.28
N LYS A 97 -5.33 6.11 -21.76
CA LYS A 97 -5.28 5.89 -23.20
C LYS A 97 -6.69 5.80 -23.77
N ALA A 98 -7.56 5.07 -23.06
CA ALA A 98 -8.93 4.95 -23.54
C ALA A 98 -9.64 6.31 -23.49
N ALA A 99 -9.37 7.11 -22.47
CA ALA A 99 -9.97 8.44 -22.40
C ALA A 99 -9.57 9.26 -23.62
N ALA A 100 -8.29 9.25 -23.97
CA ALA A 100 -7.83 10.04 -25.12
C ALA A 100 -8.47 9.52 -26.40
N ASP A 101 -8.63 8.20 -26.53
CA ASP A 101 -9.27 7.64 -27.73
C ASP A 101 -10.74 8.01 -27.82
N ALA A 102 -11.37 8.34 -26.68
CA ALA A 102 -12.73 8.86 -26.67
C ALA A 102 -12.81 10.35 -26.94
N GLY A 103 -11.68 11.02 -27.16
CA GLY A 103 -11.68 12.45 -27.43
C GLY A 103 -11.47 13.31 -26.21
N VAL A 104 -11.16 12.72 -25.07
CA VAL A 104 -10.99 13.48 -23.83
C VAL A 104 -9.55 13.99 -23.73
N THR A 105 -9.41 15.27 -23.42
CA THR A 105 -8.08 15.86 -23.20
C THR A 105 -7.60 15.44 -21.81
N VAL A 106 -6.42 14.85 -21.74
CA VAL A 106 -5.86 14.34 -20.48
C VAL A 106 -4.72 15.24 -20.03
N THR A 107 -4.83 15.77 -18.81
CA THR A 107 -3.74 16.49 -18.17
C THR A 107 -3.55 15.92 -16.76
N THR A 108 -2.42 16.28 -16.14
CA THR A 108 -2.15 15.86 -14.77
C THR A 108 -1.77 17.05 -13.91
N TRP A 109 -1.84 16.86 -12.59
CA TRP A 109 -1.32 17.82 -11.63
C TRP A 109 -0.85 17.02 -10.44
N ASP A 110 0.10 17.60 -9.67
CA ASP A 110 0.52 17.06 -8.38
C ASP A 110 1.38 15.80 -8.52
N SER A 111 0.82 14.69 -8.98
CA SER A 111 1.57 13.46 -9.21
C SER A 111 1.30 12.94 -10.62
N ASP A 112 2.36 12.86 -11.40
CA ASP A 112 2.27 12.66 -12.83
C ASP A 112 2.05 11.18 -13.18
N VAL A 113 1.78 10.95 -14.47
CA VAL A 113 1.69 9.62 -15.04
C VAL A 113 2.75 9.50 -16.14
N ASP A 114 2.74 8.39 -16.90
CA ASP A 114 3.65 8.27 -18.03
C ASP A 114 3.38 9.44 -18.97
N PRO A 115 4.39 10.24 -19.33
CA PRO A 115 4.11 11.45 -20.13
C PRO A 115 3.55 11.14 -21.51
N SER A 116 3.63 9.89 -21.97
CA SER A 116 3.05 9.52 -23.25
C SER A 116 1.52 9.44 -23.21
N VAL A 117 0.91 9.51 -22.03
CA VAL A 117 -0.55 9.40 -21.94
C VAL A 117 -1.20 10.63 -21.31
N ARG A 118 -0.47 11.75 -21.22
CA ARG A 118 -1.09 13.01 -20.85
C ARG A 118 -0.39 14.14 -21.61
N LYS A 119 -1.07 15.28 -21.72
CA LYS A 119 -0.55 16.41 -22.49
C LYS A 119 0.32 17.32 -21.63
N VAL A 120 -0.22 17.88 -20.57
CA VAL A 120 0.51 18.78 -19.70
C VAL A 120 0.35 18.29 -18.27
N MET A 121 1.44 18.37 -17.51
CA MET A 121 1.47 18.16 -16.06
C MET A 121 1.73 19.51 -15.37
N VAL A 122 0.89 19.88 -14.38
CA VAL A 122 1.15 21.05 -13.56
C VAL A 122 1.76 20.61 -12.24
N SER A 123 3.06 20.88 -12.09
CA SER A 123 3.84 20.36 -10.97
C SER A 123 4.26 21.46 -10.01
N GLN A 124 4.25 21.11 -8.72
CA GLN A 124 4.66 21.99 -7.65
C GLN A 124 6.18 22.22 -7.59
N GLY A 125 6.99 21.45 -8.31
CA GLY A 125 8.42 21.72 -8.33
C GLY A 125 9.19 20.52 -8.84
N THR A 126 10.48 20.74 -9.10
CA THR A 126 11.30 19.63 -9.53
C THR A 126 11.59 18.73 -8.32
N PRO A 127 11.91 17.46 -8.57
CA PRO A 127 12.18 16.58 -7.43
C PRO A 127 13.45 16.96 -6.69
N GLU A 128 14.43 17.55 -7.38
CA GLU A 128 15.60 18.07 -6.68
C GLU A 128 15.20 19.20 -5.74
N GLN A 129 14.39 20.16 -6.23
CA GLN A 129 13.95 21.27 -5.40
C GLN A 129 13.21 20.76 -4.17
N LEU A 130 12.27 19.85 -4.39
CA LEU A 130 11.37 19.44 -3.30
C LEU A 130 12.07 18.49 -2.35
N GLY A 131 12.89 17.56 -2.87
CA GLY A 131 13.68 16.72 -1.97
C GLY A 131 14.62 17.54 -1.10
N GLN A 132 15.30 18.54 -1.69
CA GLN A 132 16.23 19.36 -0.90
C GLN A 132 15.46 20.25 0.08
N MET A 133 14.29 20.77 -0.33
CA MET A 133 13.47 21.55 0.59
C MET A 133 13.12 20.74 1.82
N LEU A 134 12.71 19.47 1.65
CA LEU A 134 12.37 18.61 2.80
C LEU A 134 13.56 18.48 3.74
N VAL A 135 14.73 18.16 3.19
CA VAL A 135 15.92 17.97 4.02
C VAL A 135 16.30 19.26 4.71
N GLN A 136 16.21 20.41 4.00
CA GLN A 136 16.59 21.69 4.60
C GLN A 136 15.66 22.08 5.74
N MET A 137 14.35 21.84 5.59
CA MET A 137 13.45 22.11 6.71
C MET A 137 13.82 21.25 7.91
N GLY A 138 14.14 19.98 7.67
CA GLY A 138 14.56 19.11 8.75
C GLY A 138 15.83 19.60 9.41
N TYR A 139 16.83 19.97 8.60
CA TYR A 139 18.08 20.51 9.12
C TYR A 139 17.81 21.72 10.02
N ASP A 140 17.01 22.66 9.53
CA ASP A 140 16.76 23.87 10.31
C ASP A 140 16.07 23.57 11.64
N SER A 141 15.09 22.67 11.63
CA SER A 141 14.39 22.34 12.86
C SER A 141 15.30 21.58 13.82
N LEU A 142 16.17 20.71 13.29
CA LEU A 142 17.13 19.99 14.14
C LEU A 142 18.06 20.95 14.84
N LYS A 143 18.58 21.94 14.10
CA LYS A 143 19.46 22.93 14.73
C LYS A 143 18.71 23.71 15.81
N GLU A 144 17.42 24.01 15.60
CA GLU A 144 16.66 24.80 16.55
C GLU A 144 16.33 24.03 17.82
N ARG A 145 16.37 22.71 17.81
CA ARG A 145 16.19 21.94 19.04
C ARG A 145 17.52 21.55 19.68
N GLY A 146 18.62 22.12 19.21
CA GLY A 146 19.89 21.97 19.90
C GLY A 146 20.78 20.88 19.36
N LYS A 147 20.44 20.29 18.22
CA LYS A 147 21.33 19.36 17.55
C LYS A 147 22.30 20.13 16.65
N ASP A 148 23.32 19.41 16.18
CA ASP A 148 24.31 19.92 15.25
C ASP A 148 24.21 19.06 13.99
N PRO A 149 23.20 19.29 13.14
CA PRO A 149 22.98 18.39 12.01
C PRO A 149 24.10 18.41 10.99
N GLU A 150 24.95 19.43 11.01
CA GLU A 150 26.06 19.44 10.07
C GLU A 150 27.02 18.29 10.32
N LYS A 151 27.12 17.82 11.57
CA LYS A 151 28.10 16.83 11.99
C LYS A 151 27.50 15.63 12.71
N ASP A 152 26.35 15.80 13.38
CA ASP A 152 25.82 14.69 14.16
C ASP A 152 25.39 13.52 13.26
N ALA A 153 25.40 12.33 13.85
CA ALA A 153 24.92 11.14 13.15
C ALA A 153 23.40 11.06 13.31
N ILE A 154 22.74 12.03 12.67
CA ILE A 154 21.28 12.17 12.77
C ILE A 154 20.60 10.89 12.28
N LYS A 155 19.73 10.33 13.12
CA LYS A 155 18.95 9.16 12.78
C LYS A 155 17.62 9.61 12.18
N TYR A 156 17.29 9.10 11.01
CA TYR A 156 16.09 9.59 10.33
C TYR A 156 15.45 8.49 9.50
N CYS A 157 14.24 8.77 9.03
CA CYS A 157 13.63 7.96 7.98
C CYS A 157 12.56 8.78 7.30
N TRP A 158 12.01 8.20 6.23
CA TRP A 158 10.92 8.79 5.46
C TRP A 158 9.61 8.04 5.76
N HIS A 159 8.52 8.81 5.87
CA HIS A 159 7.17 8.27 6.10
C HIS A 159 6.26 8.96 5.09
N TYR A 160 5.75 8.20 4.12
CA TYR A 160 4.87 8.81 3.12
C TYR A 160 3.81 7.80 2.70
N SER A 161 3.22 8.01 1.52
CA SER A 161 2.01 7.26 1.15
C SER A 161 2.29 5.83 0.72
N ASN A 162 3.08 5.64 -0.33
CA ASN A 162 3.25 4.31 -0.89
C ASN A 162 4.51 4.29 -1.77
N ALA A 163 4.95 3.08 -2.12
CA ALA A 163 6.24 2.85 -2.75
C ALA A 163 6.23 3.12 -4.25
N THR A 164 5.06 3.38 -4.89
CA THR A 164 5.04 3.52 -6.35
C THR A 164 4.60 4.88 -6.85
N VAL A 165 3.90 5.69 -6.05
CA VAL A 165 3.40 6.96 -6.56
C VAL A 165 4.54 7.81 -7.13
N THR A 166 4.29 8.51 -8.22
CA THR A 166 5.38 9.21 -8.91
C THR A 166 5.94 10.37 -8.09
N ASP A 167 5.10 11.27 -7.57
CA ASP A 167 5.66 12.48 -6.98
C ASP A 167 6.51 12.19 -5.75
N GLN A 168 5.93 11.51 -4.77
CA GLN A 168 6.60 11.39 -3.48
C GLN A 168 7.84 10.52 -3.56
N ASN A 169 7.82 9.48 -4.39
CA ASN A 169 9.03 8.68 -4.56
C ASN A 169 10.14 9.46 -5.26
N SER A 170 9.80 10.34 -6.20
CA SER A 170 10.85 11.12 -6.84
C SER A 170 11.53 12.03 -5.84
N TRP A 171 10.78 12.55 -4.86
CA TRP A 171 11.39 13.39 -3.84
C TRP A 171 12.27 12.57 -2.91
N GLN A 172 11.83 11.38 -2.51
CA GLN A 172 12.63 10.52 -1.66
C GLN A 172 13.95 10.19 -2.34
N VAL A 173 13.90 9.88 -3.63
CA VAL A 173 15.14 9.53 -4.33
C VAL A 173 16.11 10.70 -4.32
N GLU A 174 15.62 11.90 -4.63
CA GLU A 174 16.49 13.06 -4.66
C GLU A 174 16.92 13.48 -3.27
N GLY A 175 16.03 13.39 -2.28
CA GLY A 175 16.40 13.73 -0.92
C GLY A 175 17.45 12.79 -0.36
N GLU A 176 17.34 11.49 -0.67
CA GLU A 176 18.34 10.55 -0.23
C GLU A 176 19.69 10.83 -0.87
N LYS A 177 19.72 11.14 -2.17
CA LYS A 177 20.99 11.48 -2.81
C LYS A 177 21.61 12.71 -2.14
N TYR A 178 20.79 13.69 -1.83
CA TYR A 178 21.26 14.92 -1.20
C TYR A 178 21.81 14.64 0.19
N ILE A 179 21.08 13.86 0.99
CA ILE A 179 21.56 13.51 2.33
C ILE A 179 22.89 12.77 2.23
N LYS A 180 22.98 11.78 1.35
CA LYS A 180 24.20 10.99 1.30
C LYS A 180 25.39 11.82 0.83
N SER A 181 25.15 12.87 0.02
CA SER A 181 26.20 13.75 -0.44
C SER A 181 26.59 14.79 0.61
N LYS A 182 25.61 15.47 1.19
CA LYS A 182 25.86 16.60 2.04
C LYS A 182 25.99 16.22 3.51
N TYR A 183 25.27 15.19 3.95
CA TYR A 183 25.24 14.78 5.35
C TYR A 183 25.54 13.30 5.43
N PRO A 184 26.75 12.90 5.02
CA PRO A 184 27.08 11.45 5.06
C PRO A 184 27.02 10.83 6.43
N ASN A 185 27.08 11.63 7.50
CA ASN A 185 26.99 11.06 8.85
C ASN A 185 25.57 10.68 9.25
N TRP A 186 24.56 11.17 8.55
CA TRP A 186 23.20 10.79 8.90
C TRP A 186 23.00 9.31 8.63
N GLN A 187 22.07 8.71 9.39
CA GLN A 187 21.79 7.29 9.29
C GLN A 187 20.30 7.11 9.04
N ASN A 188 19.97 6.50 7.91
CA ASN A 188 18.58 6.17 7.63
C ASN A 188 18.27 4.90 8.39
N VAL A 189 17.46 5.00 9.45
CA VAL A 189 17.18 3.84 10.31
C VAL A 189 16.12 2.91 9.75
N ALA A 190 15.49 3.26 8.62
CA ALA A 190 14.44 2.42 8.03
C ALA A 190 14.43 2.68 6.53
N PRO A 191 15.44 2.16 5.81
CA PRO A 191 15.57 2.50 4.38
C PRO A 191 14.43 2.01 3.50
N ASP A 192 13.62 1.05 3.94
CA ASP A 192 12.45 0.66 3.15
C ASP A 192 11.40 1.76 3.10
N ASN A 193 11.48 2.74 4.00
CA ASN A 193 10.48 3.79 4.21
C ASN A 193 9.26 3.21 4.91
N TYR A 194 8.54 4.06 5.60
CA TYR A 194 7.24 3.70 6.15
C TYR A 194 6.13 4.29 5.30
N TYR A 195 5.09 3.49 5.11
CA TYR A 195 3.98 3.86 4.22
C TYR A 195 2.65 3.78 4.97
N SER A 196 1.83 4.82 4.82
CA SER A 196 0.52 4.85 5.47
C SER A 196 -0.65 5.02 4.50
N ASN A 197 -0.39 4.99 3.20
CA ASN A 197 -1.45 4.75 2.21
C ASN A 197 -2.50 5.85 2.16
N GLN A 198 -2.14 7.03 2.62
CA GLN A 198 -3.03 8.20 2.67
C GLN A 198 -4.28 7.94 3.49
N ASP A 199 -4.22 7.00 4.43
CA ASP A 199 -5.32 6.73 5.33
C ASP A 199 -5.03 7.45 6.64
N ALA A 200 -5.90 8.38 7.03
CA ALA A 200 -5.62 9.25 8.16
C ALA A 200 -5.39 8.45 9.45
N GLU A 201 -6.24 7.45 9.72
CA GLU A 201 -6.05 6.67 10.94
C GLU A 201 -4.79 5.82 10.87
N GLN A 202 -4.48 5.26 9.69
CA GLN A 202 -3.26 4.47 9.57
C GLN A 202 -2.01 5.32 9.70
N ALA A 203 -2.06 6.58 9.27
CA ALA A 203 -0.87 7.42 9.40
C ALA A 203 -0.54 7.66 10.86
N ILE A 204 -1.56 7.74 11.73
CA ILE A 204 -1.28 7.83 13.16
C ILE A 204 -0.65 6.54 13.65
N SER A 205 -1.23 5.41 13.29
CA SER A 205 -0.73 4.12 13.76
C SER A 205 0.70 3.86 13.29
N VAL A 206 0.96 4.10 12.00
CA VAL A 206 2.32 3.99 11.48
C VAL A 206 3.25 4.99 12.17
N GLY A 207 2.80 6.24 12.39
CA GLY A 207 3.63 7.19 13.12
C GLY A 207 4.02 6.67 14.48
N GLU A 208 3.08 6.01 15.16
CA GLU A 208 3.38 5.41 16.46
C GLU A 208 4.36 4.25 16.34
N SER A 209 4.21 3.44 15.29
CA SER A 209 5.15 2.34 15.04
C SER A 209 6.58 2.87 14.86
N ILE A 210 6.75 3.95 14.11
CA ILE A 210 8.09 4.49 13.94
C ILE A 210 8.70 4.91 15.26
N LEU A 211 7.92 5.61 16.09
CA LEU A 211 8.44 6.10 17.35
C LEU A 211 8.67 4.97 18.35
N SER A 212 7.91 3.87 18.25
CA SER A 212 8.11 2.73 19.13
C SER A 212 9.34 1.91 18.72
N ALA A 213 9.52 1.68 17.42
CA ALA A 213 10.60 0.83 16.92
C ALA A 213 11.91 1.58 16.80
N HIS A 214 11.87 2.91 16.76
CA HIS A 214 13.05 3.75 16.59
C HIS A 214 12.92 4.91 17.57
N SER A 215 12.88 4.59 18.86
CA SER A 215 12.50 5.60 19.85
C SER A 215 13.51 6.74 19.96
N ASP A 216 14.75 6.52 19.55
CA ASP A 216 15.78 7.55 19.52
C ASP A 216 15.91 8.24 18.16
N ILE A 217 14.93 8.07 17.27
CA ILE A 217 15.02 8.72 15.97
C ILE A 217 15.07 10.24 16.17
N ASP A 218 15.84 10.91 15.28
CA ASP A 218 15.96 12.36 15.37
C ASP A 218 15.04 13.11 14.43
N LEU A 219 14.77 12.55 13.27
CA LEU A 219 14.07 13.26 12.20
C LEU A 219 13.17 12.29 11.46
N ILE A 220 11.92 12.68 11.24
CA ILE A 220 11.00 11.89 10.40
C ILE A 220 10.52 12.81 9.30
N ILE A 221 10.86 12.46 8.05
CA ILE A 221 10.49 13.28 6.90
C ILE A 221 9.19 12.72 6.34
N CYS A 222 8.13 13.51 6.46
CA CYS A 222 6.77 13.06 6.12
C CYS A 222 6.30 13.79 4.86
N ASN A 223 6.80 13.33 3.68
CA ASN A 223 6.50 13.97 2.41
C ASN A 223 5.15 13.54 1.83
N ASP A 224 4.10 13.70 2.63
CA ASP A 224 2.75 13.33 2.26
C ASP A 224 1.79 14.03 3.22
N SER A 225 0.68 14.53 2.68
CA SER A 225 -0.27 15.36 3.41
C SER A 225 -1.08 14.60 4.47
N THR A 226 -1.05 13.27 4.45
CA THR A 226 -1.65 12.44 5.49
C THR A 226 -0.59 11.99 6.49
N ALA A 227 0.56 11.56 5.99
CA ALA A 227 1.62 11.13 6.90
C ALA A 227 2.05 12.24 7.85
N LEU A 228 2.12 13.49 7.38
CA LEU A 228 2.62 14.56 8.26
C LEU A 228 1.69 14.80 9.45
N PRO A 229 0.38 15.06 9.28
CA PRO A 229 -0.46 15.23 10.48
C PRO A 229 -0.58 13.94 11.27
N GLY A 230 -0.55 12.78 10.62
CA GLY A 230 -0.60 11.55 11.39
C GLY A 230 0.62 11.36 12.26
N GLN A 231 1.81 11.72 11.72
CA GLN A 231 3.04 11.60 12.50
C GLN A 231 3.04 12.60 13.66
N ALA A 232 2.55 13.81 13.41
CA ALA A 232 2.45 14.77 14.51
C ALA A 232 1.50 14.25 15.59
N GLN A 233 0.36 13.69 15.18
CA GLN A 233 -0.56 13.13 16.18
C GLN A 233 0.09 11.99 16.95
N ALA A 234 0.86 11.14 16.25
CA ALA A 234 1.55 10.05 16.93
C ALA A 234 2.52 10.58 17.97
N ALA A 235 3.25 11.65 17.63
CA ALA A 235 4.19 12.24 18.58
C ALA A 235 3.44 12.78 19.78
N GLN A 236 2.34 13.50 19.53
CA GLN A 236 1.55 14.02 20.63
C GLN A 236 0.99 12.89 21.50
N ASN A 237 0.52 11.80 20.88
CA ASN A 237 0.05 10.62 21.61
C ASN A 237 1.13 10.04 22.53
N LYS A 238 2.40 10.14 22.12
CA LYS A 238 3.50 9.65 22.94
C LYS A 238 4.04 10.72 23.89
N GLY A 239 3.40 11.88 23.95
CA GLY A 239 3.80 12.91 24.89
C GLY A 239 4.98 13.73 24.42
N LEU A 240 5.36 13.62 23.16
CA LEU A 240 6.54 14.28 22.64
C LEU A 240 6.21 15.67 22.12
N THR A 241 7.26 16.52 22.08
CA THR A 241 7.18 17.83 21.44
C THR A 241 8.33 17.96 20.46
N ALA A 242 8.37 19.11 19.77
CA ALA A 242 9.46 19.42 18.86
C ALA A 242 10.82 19.40 19.56
N LYS A 243 10.87 19.48 20.89
CA LYS A 243 12.15 19.40 21.57
C LYS A 243 12.66 17.96 21.63
N ASN A 244 11.79 16.96 21.50
CA ASN A 244 12.18 15.57 21.58
C ASN A 244 12.57 14.99 20.23
N VAL A 245 11.84 15.36 19.17
CA VAL A 245 12.01 14.74 17.86
C VAL A 245 11.62 15.77 16.82
N THR A 246 12.28 15.71 15.66
CA THR A 246 11.98 16.65 14.60
C THR A 246 11.14 15.97 13.53
N ILE A 247 9.96 16.52 13.28
CA ILE A 247 9.03 16.04 12.25
C ILE A 247 8.86 17.18 11.26
N THR A 248 8.99 16.88 9.98
CA THR A 248 8.69 17.88 8.96
C THR A 248 8.07 17.15 7.78
N GLY A 249 7.68 17.91 6.76
CA GLY A 249 7.00 17.28 5.64
C GLY A 249 6.17 18.30 4.90
N PHE A 250 5.22 17.78 4.11
CA PHE A 250 4.35 18.62 3.30
C PHE A 250 2.88 18.45 3.72
N ALA A 251 2.20 19.57 3.95
CA ALA A 251 0.75 19.54 4.18
C ALA A 251 0.23 20.96 4.09
N SER A 252 -1.04 21.10 3.73
CA SER A 252 -1.64 22.42 3.72
C SER A 252 -1.68 22.98 5.15
N PRO A 253 -1.51 24.29 5.30
CA PRO A 253 -1.22 24.83 6.64
C PRO A 253 -2.35 24.73 7.64
N ASN A 254 -3.61 24.90 7.22
CA ASN A 254 -4.67 24.80 8.22
C ASN A 254 -4.65 23.47 8.94
N SER A 255 -4.27 22.38 8.25
CA SER A 255 -4.28 21.07 8.87
C SER A 255 -3.21 20.91 9.94
N MET A 256 -2.20 21.81 9.96
CA MET A 256 -1.08 21.67 10.88
C MET A 256 -1.02 22.77 11.94
N LYS A 257 -1.87 23.79 11.86
CA LYS A 257 -1.71 24.93 12.76
C LYS A 257 -1.79 24.51 14.21
N GLN A 258 -2.75 23.63 14.56
CA GLN A 258 -2.90 23.27 15.97
C GLN A 258 -1.68 22.50 16.47
N TYR A 259 -1.16 21.57 15.66
CA TYR A 259 0.05 20.87 16.05
C TYR A 259 1.20 21.84 16.28
N CYS A 260 1.29 22.87 15.43
CA CYS A 260 2.37 23.83 15.60
C CYS A 260 2.16 24.69 16.84
N ASN A 261 0.91 25.13 17.07
CA ASN A 261 0.61 25.90 18.28
C ASN A 261 0.83 25.09 19.55
N ASP A 262 0.66 23.77 19.47
CA ASP A 262 0.87 22.91 20.62
C ASP A 262 2.33 22.47 20.75
N GLY A 263 3.22 22.97 19.89
CA GLY A 263 4.64 22.72 20.02
C GLY A 263 5.07 21.37 19.52
N ILE A 264 4.25 20.70 18.71
CA ILE A 264 4.59 19.34 18.29
C ILE A 264 5.62 19.37 17.18
N LEU A 265 5.55 20.37 16.28
CA LEU A 265 6.56 20.53 15.25
C LEU A 265 6.80 22.01 15.02
N THR A 266 7.96 22.32 14.47
CA THR A 266 8.35 23.70 14.23
C THR A 266 8.04 24.16 12.82
N ARG A 267 8.15 23.30 11.82
CA ARG A 267 8.30 23.77 10.45
C ARG A 267 7.85 22.68 9.49
N TRP A 268 7.13 23.08 8.45
CA TRP A 268 6.76 22.16 7.38
C TRP A 268 6.54 23.03 6.15
N GLY A 269 6.24 22.42 5.01
CA GLY A 269 6.08 23.19 3.79
C GLY A 269 4.91 22.78 2.92
N LEU A 270 4.68 23.61 1.92
CA LEU A 270 3.76 23.26 0.82
C LEU A 270 3.99 24.30 -0.27
N TRP A 271 2.91 24.77 -0.89
CA TRP A 271 2.88 25.61 -2.07
C TRP A 271 1.40 25.93 -2.25
N ASP A 272 1.07 26.75 -3.24
CA ASP A 272 -0.33 27.20 -3.38
C ASP A 272 -1.09 26.13 -4.16
N CYS A 273 -1.63 25.14 -3.43
CA CYS A 273 -2.30 24.05 -4.12
C CYS A 273 -3.64 24.46 -4.74
N GLY A 274 -4.28 25.52 -4.24
CA GLY A 274 -5.48 26.03 -4.88
C GLY A 274 -5.18 26.58 -6.26
N ILE A 275 -4.15 27.41 -6.38
CA ILE A 275 -3.77 27.91 -7.71
C ILE A 275 -3.26 26.77 -8.57
N GLN A 276 -2.60 25.79 -7.96
CA GLN A 276 -2.11 24.64 -8.74
C GLN A 276 -3.28 23.86 -9.36
N GLY A 277 -4.30 23.55 -8.54
CA GLY A 277 -5.45 22.84 -9.10
C GLY A 277 -6.13 23.67 -10.18
N ALA A 278 -6.27 24.97 -9.95
CA ALA A 278 -6.86 25.84 -10.95
C ALA A 278 -6.04 25.83 -12.23
N MET A 279 -4.71 25.90 -12.12
CA MET A 279 -3.88 25.90 -13.31
C MET A 279 -4.00 24.59 -14.09
N GLY A 280 -4.01 23.45 -13.38
CA GLY A 280 -4.17 22.18 -14.06
C GLY A 280 -5.48 22.13 -14.83
N CYS A 281 -6.55 22.59 -14.19
CA CYS A 281 -7.84 22.60 -14.87
C CYS A 281 -7.86 23.60 -16.01
N TYR A 282 -7.19 24.75 -15.86
CA TYR A 282 -7.10 25.71 -16.96
C TYR A 282 -6.39 25.11 -18.18
N MET A 283 -5.25 24.42 -17.95
CA MET A 283 -4.54 23.82 -19.08
C MET A 283 -5.41 22.80 -19.79
N ALA A 284 -6.13 21.97 -19.03
CA ALA A 284 -7.06 21.02 -19.65
C ALA A 284 -8.13 21.72 -20.47
N TYR A 285 -8.73 22.78 -19.92
CA TYR A 285 -9.76 23.55 -20.62
C TYR A 285 -9.20 24.22 -21.86
N TYR A 286 -7.98 24.77 -21.74
CA TYR A 286 -7.37 25.49 -22.85
C TYR A 286 -7.12 24.56 -24.03
N ILE A 287 -6.62 23.35 -23.74
CA ILE A 287 -6.39 22.38 -24.81
C ILE A 287 -7.72 21.83 -25.33
N ALA A 288 -8.64 21.49 -24.44
CA ALA A 288 -9.93 20.94 -24.88
C ALA A 288 -10.74 21.94 -25.69
N SER A 289 -10.48 23.24 -25.50
CA SER A 289 -11.10 24.29 -26.30
C SER A 289 -10.51 24.41 -27.70
N GLY A 290 -9.47 23.66 -28.03
CA GLY A 290 -8.93 23.62 -29.36
C GLY A 290 -7.62 24.36 -29.55
N ASN A 291 -6.97 24.79 -28.48
CA ASN A 291 -5.70 25.47 -28.60
C ASN A 291 -4.60 24.45 -28.48
N SER A 292 -3.60 24.57 -29.35
CA SER A 292 -2.48 23.66 -29.30
C SER A 292 -1.50 24.17 -28.26
N VAL A 293 -0.87 23.25 -27.56
CA VAL A 293 0.12 23.60 -26.56
C VAL A 293 1.36 22.76 -26.84
N LYS A 294 2.52 23.42 -26.95
CA LYS A 294 3.79 22.72 -27.15
C LYS A 294 4.84 23.25 -26.18
N VAL A 295 5.84 22.40 -25.92
CA VAL A 295 6.98 22.82 -25.12
C VAL A 295 7.56 24.09 -25.69
N GLY A 296 7.83 25.05 -24.80
CA GLY A 296 8.33 26.35 -25.17
C GLY A 296 7.26 27.42 -25.25
N ASP A 297 5.98 27.05 -25.33
CA ASP A 297 4.91 28.03 -25.39
C ASP A 297 4.82 28.79 -24.07
N LYS A 298 4.51 30.09 -24.17
CA LYS A 298 4.15 30.91 -23.01
C LYS A 298 2.66 31.20 -23.13
N ILE A 299 1.90 30.82 -22.11
CA ILE A 299 0.45 30.93 -22.12
C ILE A 299 0.03 31.84 -20.98
N GLU A 300 -0.78 32.84 -21.28
CA GLU A 300 -1.29 33.77 -20.28
C GLU A 300 -2.56 33.18 -19.68
N ILE A 301 -2.49 32.77 -18.41
CA ILE A 301 -3.65 32.27 -17.69
C ILE A 301 -4.31 33.45 -16.98
N PRO A 302 -5.50 33.88 -17.39
CA PRO A 302 -6.07 35.11 -16.85
C PRO A 302 -6.12 35.09 -15.33
N THR A 303 -5.65 36.19 -14.72
CA THR A 303 -5.61 36.42 -13.27
C THR A 303 -4.59 35.58 -12.52
N VAL A 304 -3.84 34.72 -13.21
CA VAL A 304 -2.78 33.93 -12.59
C VAL A 304 -1.41 34.40 -13.05
N GLY A 305 -1.21 34.48 -14.36
CA GLY A 305 0.02 34.96 -14.93
C GLY A 305 0.40 34.10 -16.11
N THR A 306 1.58 34.37 -16.64
CA THR A 306 2.08 33.70 -17.82
C THR A 306 2.90 32.50 -17.40
N VAL A 307 2.61 31.36 -17.99
CA VAL A 307 3.34 30.13 -17.69
C VAL A 307 4.10 29.69 -18.93
N GLU A 308 5.19 28.97 -18.72
CA GLU A 308 5.99 28.43 -19.80
C GLU A 308 5.93 26.91 -19.75
N VAL A 309 5.63 26.28 -20.88
CA VAL A 309 5.62 24.82 -20.92
C VAL A 309 7.05 24.31 -21.08
N MET A 310 7.49 23.48 -20.15
CA MET A 310 8.83 22.94 -20.07
C MET A 310 8.87 21.50 -20.56
N PRO A 311 10.03 20.99 -20.96
CA PRO A 311 10.11 19.56 -21.34
C PRO A 311 9.86 18.66 -20.15
N ASN A 312 9.43 17.43 -20.46
CA ASN A 312 9.14 16.45 -19.42
C ASN A 312 10.37 16.18 -18.54
N SER A 313 11.57 16.31 -19.10
CA SER A 313 12.76 16.00 -18.35
C SER A 313 13.04 16.99 -17.22
N VAL A 314 12.30 18.11 -17.09
CA VAL A 314 12.46 18.91 -15.87
C VAL A 314 12.07 18.15 -14.62
N LEU A 315 11.20 17.13 -14.75
CA LEU A 315 10.81 16.32 -13.60
C LEU A 315 11.58 14.99 -13.50
N ASP A 316 12.36 14.62 -14.50
CA ASP A 316 13.07 13.35 -14.52
C ASP A 316 14.06 13.46 -15.67
N PRO A 317 15.36 13.52 -15.39
CA PRO A 317 16.32 13.71 -16.48
C PRO A 317 16.31 12.58 -17.48
N LYS A 318 15.80 11.40 -17.12
CA LYS A 318 15.72 10.28 -18.05
C LYS A 318 14.50 10.35 -18.96
N ALA A 319 13.60 11.33 -18.77
CA ALA A 319 12.37 11.38 -19.57
C ALA A 319 12.67 11.69 -21.04
N ASP A 320 11.93 11.04 -21.92
CA ASP A 320 12.02 11.32 -23.35
C ASP A 320 11.34 12.65 -23.66
N ASP A 321 12.06 13.54 -24.32
CA ASP A 321 11.55 14.84 -24.69
C ASP A 321 11.15 14.91 -26.15
N SER A 322 11.10 13.78 -26.84
CA SER A 322 10.88 13.77 -28.29
C SER A 322 9.56 14.40 -28.71
N ASP A 323 8.49 14.21 -27.93
CA ASP A 323 7.16 14.71 -28.29
C ASP A 323 6.95 16.09 -27.65
N THR A 324 7.00 17.14 -28.46
CA THR A 324 6.87 18.46 -27.88
C THR A 324 5.42 18.82 -27.53
N SER A 325 4.45 17.94 -27.79
CA SER A 325 3.09 18.17 -27.31
C SER A 325 2.89 17.68 -25.89
N SER A 326 3.94 17.19 -25.25
CA SER A 326 3.87 16.65 -23.89
C SER A 326 4.86 17.44 -23.05
N GLY A 327 4.40 18.06 -21.97
CA GLY A 327 5.29 18.90 -21.19
C GLY A 327 4.75 19.23 -19.82
N VAL A 328 5.48 20.13 -19.13
CA VAL A 328 5.28 20.39 -17.71
C VAL A 328 5.21 21.89 -17.47
N VAL A 329 4.28 22.33 -16.62
CA VAL A 329 4.25 23.69 -16.10
C VAL A 329 4.63 23.59 -14.63
N LEU A 330 5.60 24.40 -14.20
CA LEU A 330 6.08 24.42 -12.82
C LEU A 330 5.52 25.60 -12.05
N LEU A 331 5.08 25.37 -10.81
CA LEU A 331 4.75 26.49 -9.94
C LEU A 331 6.02 27.31 -9.67
N PRO A 332 5.90 28.65 -9.63
CA PRO A 332 7.08 29.49 -9.40
C PRO A 332 7.59 29.50 -7.97
N GLU A 333 6.80 29.09 -6.99
CA GLU A 333 7.31 29.17 -5.63
C GLU A 333 6.72 28.08 -4.77
N ARG A 334 7.47 27.72 -3.74
CA ARG A 334 7.03 26.86 -2.65
C ARG A 334 7.12 27.65 -1.35
N THR A 335 6.49 27.14 -0.29
CA THR A 335 6.27 27.91 0.93
C THR A 335 6.72 27.09 2.13
N ILE A 336 7.48 27.72 3.02
CA ILE A 336 7.87 27.10 4.28
C ILE A 336 7.08 27.76 5.41
N PHE A 337 6.38 26.96 6.20
CA PHE A 337 5.55 27.47 7.29
C PHE A 337 6.22 27.25 8.64
N THR A 338 6.13 28.25 9.50
CA THR A 338 6.41 28.10 10.92
C THR A 338 5.32 28.85 11.69
N LYS A 339 5.39 28.86 13.01
CA LYS A 339 4.41 29.62 13.76
C LYS A 339 4.43 31.10 13.40
N ASP A 340 5.54 31.58 12.83
CA ASP A 340 5.67 33.02 12.57
C ASP A 340 4.93 33.46 11.32
N ASN A 341 4.64 32.56 10.37
CA ASN A 341 3.88 32.96 9.19
C ASN A 341 2.64 32.11 8.91
N MET A 342 2.41 31.01 9.64
CA MET A 342 1.33 30.10 9.25
C MET A 342 -0.03 30.80 9.28
N ASN A 343 -0.20 31.79 10.14
CA ASN A 343 -1.49 32.45 10.26
C ASN A 343 -1.74 33.44 9.14
N ASN A 344 -0.77 33.63 8.25
CA ASN A 344 -1.00 34.43 7.05
C ASN A 344 -1.73 33.65 5.97
N TYR A 345 -1.99 32.36 6.19
CA TYR A 345 -2.56 31.51 5.16
C TYR A 345 -3.87 30.92 5.67
N ASP A 346 -4.78 30.61 4.74
CA ASP A 346 -6.07 30.07 5.12
C ASP A 346 -6.49 29.01 4.10
N PHE A 347 -5.73 27.92 4.06
CA PHE A 347 -6.09 26.76 3.25
C PHE A 347 -5.44 25.51 3.80
N VAL B 22 16.27 -23.08 23.12
CA VAL B 22 16.15 -22.42 21.82
C VAL B 22 14.97 -21.45 21.85
N THR B 23 15.17 -20.25 21.33
CA THR B 23 14.10 -19.29 21.11
C THR B 23 13.91 -19.07 19.61
N VAL B 24 12.66 -19.21 19.16
CA VAL B 24 12.25 -18.87 17.80
C VAL B 24 11.43 -17.59 17.88
N THR B 25 11.82 -16.58 17.10
CA THR B 25 11.01 -15.37 16.97
C THR B 25 10.01 -15.58 15.84
N PHE B 26 8.73 -15.52 16.16
CA PHE B 26 7.64 -15.81 15.22
C PHE B 26 7.02 -14.48 14.81
N ILE B 27 7.17 -14.14 13.54
CA ILE B 27 6.84 -12.80 13.04
C ILE B 27 5.67 -12.93 12.08
N PRO B 28 4.53 -12.30 12.37
CA PRO B 28 3.39 -12.29 11.45
C PRO B 28 3.50 -11.12 10.47
N LYS B 29 2.62 -11.11 9.47
CA LYS B 29 2.53 -9.91 8.63
C LYS B 29 2.11 -8.70 9.45
N LEU B 30 1.26 -8.91 10.46
CA LEU B 30 0.84 -7.90 11.41
C LEU B 30 0.23 -8.62 12.59
N THR B 31 0.32 -8.01 13.76
CA THR B 31 -0.39 -8.51 14.93
C THR B 31 -1.82 -7.96 14.92
N GLY B 32 -2.68 -8.53 15.75
CA GLY B 32 -4.04 -8.00 15.88
C GLY B 32 -4.98 -8.26 14.71
N ASN B 33 -4.61 -9.13 13.79
CA ASN B 33 -5.50 -9.72 12.82
C ASN B 33 -5.71 -11.18 13.22
N ALA B 34 -6.94 -11.66 13.09
CA ALA B 34 -7.29 -12.95 13.66
C ALA B 34 -6.45 -14.09 13.09
N PHE B 35 -6.11 -14.03 11.80
CA PHE B 35 -5.31 -15.12 11.21
C PHE B 35 -4.01 -15.28 11.97
N PHE B 36 -3.34 -14.17 12.26
CA PHE B 36 -2.03 -14.24 12.88
C PHE B 36 -2.10 -14.51 14.37
N GLU B 37 -3.12 -13.97 15.03
CA GLU B 37 -3.33 -14.30 16.43
C GLU B 37 -3.64 -15.78 16.61
N SER B 38 -4.50 -16.34 15.73
CA SER B 38 -4.77 -17.78 15.82
C SER B 38 -3.53 -18.62 15.50
N ALA B 39 -2.73 -18.17 14.53
CA ALA B 39 -1.51 -18.91 14.23
C ALA B 39 -0.59 -18.93 15.44
N ASN B 40 -0.45 -17.78 16.12
CA ASN B 40 0.39 -17.77 17.31
C ASN B 40 -0.18 -18.62 18.44
N LYS B 41 -1.51 -18.63 18.59
CA LYS B 41 -2.10 -19.49 19.62
C LYS B 41 -1.67 -20.93 19.40
N GLY B 42 -1.63 -21.36 18.12
CA GLY B 42 -1.14 -22.69 17.82
C GLY B 42 0.35 -22.85 18.10
N ALA B 43 1.16 -21.88 17.66
CA ALA B 43 2.59 -21.99 17.91
C ALA B 43 2.91 -22.07 19.40
N GLN B 44 2.21 -21.29 20.23
CA GLN B 44 2.45 -21.34 21.66
C GLN B 44 2.06 -22.71 22.21
N LYS B 45 0.89 -23.22 21.81
CA LYS B 45 0.42 -24.50 22.34
C LYS B 45 1.41 -25.61 22.05
N TYR B 46 1.84 -25.74 20.79
CA TYR B 46 2.72 -26.84 20.41
C TYR B 46 4.13 -26.65 20.95
N SER B 47 4.63 -25.41 20.93
CA SER B 47 5.98 -25.20 21.45
C SER B 47 6.07 -25.52 22.94
N GLU B 48 5.00 -25.26 23.71
CA GLU B 48 4.99 -25.65 25.12
C GLU B 48 5.14 -27.16 25.27
N GLN B 49 4.68 -27.93 24.30
CA GLN B 49 4.83 -29.39 24.32
C GLN B 49 6.21 -29.82 23.84
N TRP B 50 6.76 -29.09 22.87
CA TRP B 50 8.04 -29.43 22.26
C TRP B 50 9.22 -28.95 23.09
N GLY B 51 9.02 -28.03 24.03
CA GLY B 51 10.11 -27.61 24.91
C GLY B 51 11.04 -26.55 24.34
N PHE B 52 10.52 -25.61 23.57
CA PHE B 52 11.28 -24.44 23.17
C PHE B 52 10.37 -23.23 23.23
N LYS B 53 10.97 -22.04 23.18
CA LYS B 53 10.24 -20.80 23.33
C LYS B 53 9.92 -20.19 21.97
N VAL B 54 8.69 -19.75 21.79
CA VAL B 54 8.28 -18.97 20.63
C VAL B 54 7.97 -17.56 21.11
N ASP B 55 8.76 -16.59 20.62
CA ASP B 55 8.61 -15.17 20.96
C ASP B 55 7.85 -14.53 19.80
N TYR B 56 6.55 -14.28 20.01
CA TYR B 56 5.70 -13.66 19.00
C TYR B 56 5.98 -12.16 18.94
N GLU B 57 6.43 -11.65 17.79
CA GLU B 57 6.83 -10.25 17.69
C GLU B 57 6.41 -9.71 16.35
N GLY B 58 5.69 -8.60 16.36
CA GLY B 58 5.25 -7.98 15.14
C GLY B 58 4.90 -6.54 15.35
N ASP B 59 4.00 -6.04 14.52
CA ASP B 59 3.54 -4.66 14.57
C ASP B 59 2.06 -4.64 14.17
N ALA B 60 1.33 -3.62 14.65
CA ALA B 60 -0.08 -3.47 14.29
C ALA B 60 -0.29 -3.17 12.82
N ASN B 61 0.73 -2.70 12.11
CA ASN B 61 0.61 -2.34 10.69
C ASN B 61 1.42 -3.33 9.88
N ALA B 62 0.86 -3.72 8.75
CA ALA B 62 1.56 -4.58 7.78
C ALA B 62 2.53 -3.71 7.01
N SER B 63 3.81 -3.82 7.33
CA SER B 63 4.81 -2.85 6.87
C SER B 63 6.16 -3.54 6.76
N ALA B 64 6.77 -3.49 5.57
CA ALA B 64 8.09 -4.10 5.44
C ALA B 64 9.10 -3.44 6.36
N ALA B 65 9.05 -2.11 6.51
CA ALA B 65 9.98 -1.43 7.38
C ALA B 65 9.79 -1.89 8.82
N SER B 66 8.54 -2.10 9.25
CA SER B 66 8.33 -2.64 10.60
C SER B 66 8.92 -4.03 10.71
N GLN B 67 8.70 -4.88 9.70
CA GLN B 67 9.23 -6.24 9.79
C GLN B 67 10.76 -6.24 9.86
N VAL B 68 11.41 -5.38 9.08
CA VAL B 68 12.86 -5.25 9.18
C VAL B 68 13.26 -4.88 10.61
N SER B 69 12.55 -3.91 11.20
CA SER B 69 12.87 -3.49 12.55
C SER B 69 12.72 -4.65 13.53
N VAL B 70 11.66 -5.46 13.38
CA VAL B 70 11.45 -6.61 14.24
C VAL B 70 12.55 -7.64 14.07
N ILE B 71 12.92 -7.93 12.82
CA ILE B 71 13.98 -8.88 12.53
C ILE B 71 15.29 -8.41 13.17
N ASN B 72 15.65 -7.13 12.93
CA ASN B 72 16.92 -6.60 13.43
C ASN B 72 16.95 -6.64 14.95
N LYS B 73 15.83 -6.33 15.60
CA LYS B 73 15.80 -6.31 17.05
C LYS B 73 15.94 -7.71 17.62
N ALA B 74 15.26 -8.69 17.00
CA ALA B 74 15.37 -10.08 17.46
C ALA B 74 16.79 -10.59 17.33
N VAL B 75 17.46 -10.26 16.23
CA VAL B 75 18.88 -10.64 16.10
C VAL B 75 19.69 -10.00 17.20
N GLN B 76 19.49 -8.70 17.46
CA GLN B 76 20.27 -7.99 18.47
C GLN B 76 20.05 -8.58 19.85
N GLN B 77 18.85 -9.07 20.11
CA GLN B 77 18.53 -9.66 21.40
C GLN B 77 18.89 -11.13 21.49
N GLY B 78 19.54 -11.67 20.46
CA GLY B 78 20.09 -13.02 20.56
C GLY B 78 19.14 -14.14 20.25
N THR B 79 18.11 -13.91 19.45
CA THR B 79 17.24 -15.02 19.09
C THR B 79 18.06 -16.08 18.34
N ASN B 80 17.62 -17.34 18.45
CA ASN B 80 18.27 -18.42 17.72
C ASN B 80 17.70 -18.62 16.33
N ALA B 81 16.45 -18.24 16.11
CA ALA B 81 15.80 -18.53 14.85
C ALA B 81 14.66 -17.54 14.66
N ILE B 82 14.27 -17.36 13.40
CA ILE B 82 13.15 -16.52 13.01
C ILE B 82 12.28 -17.35 12.08
N CYS B 83 10.97 -17.29 12.29
CA CYS B 83 10.00 -17.84 11.34
C CYS B 83 9.05 -16.72 10.97
N LEU B 84 9.11 -16.29 9.71
CA LEU B 84 8.50 -15.04 9.26
C LEU B 84 7.47 -15.29 8.17
N SER B 85 6.34 -14.56 8.26
CA SER B 85 5.44 -14.40 7.12
C SER B 85 5.65 -12.99 6.59
N SER B 86 6.09 -12.88 5.33
CA SER B 86 6.59 -11.63 4.79
C SER B 86 5.49 -10.81 4.10
N VAL B 87 5.44 -9.49 4.38
CA VAL B 87 4.51 -8.61 3.66
C VAL B 87 5.08 -8.17 2.32
N ASP B 88 6.40 -8.23 2.15
CA ASP B 88 7.06 -7.85 0.90
C ASP B 88 8.43 -8.53 0.95
N ALA B 89 8.66 -9.50 0.08
CA ALA B 89 9.89 -10.28 0.16
C ALA B 89 11.11 -9.39 -0.05
N ALA B 90 11.09 -8.56 -1.08
CA ALA B 90 12.26 -7.75 -1.40
C ALA B 90 12.65 -6.85 -0.23
N GLY B 91 11.65 -6.35 0.50
CA GLY B 91 11.87 -5.40 1.58
C GLY B 91 12.50 -6.00 2.82
N VAL B 92 12.51 -7.32 2.95
CA VAL B 92 13.15 -7.96 4.10
C VAL B 92 14.38 -8.75 3.72
N LYS B 93 14.75 -8.77 2.43
CA LYS B 93 15.84 -9.65 2.00
C LYS B 93 17.15 -9.33 2.74
N ASP B 94 17.54 -8.05 2.79
CA ASP B 94 18.82 -7.69 3.41
C ASP B 94 18.81 -8.03 4.89
N ALA B 95 17.70 -7.75 5.57
CA ALA B 95 17.61 -8.03 7.00
C ALA B 95 17.73 -9.53 7.27
N LEU B 96 17.11 -10.37 6.44
CA LEU B 96 17.22 -11.81 6.64
C LEU B 96 18.63 -12.31 6.34
N LYS B 97 19.29 -11.73 5.33
CA LYS B 97 20.67 -12.11 5.05
C LYS B 97 21.58 -11.76 6.22
N ALA B 98 21.37 -10.58 6.83
CA ALA B 98 22.15 -10.19 8.00
C ALA B 98 21.86 -11.10 9.19
N ALA B 99 20.60 -11.52 9.37
CA ALA B 99 20.28 -12.47 10.44
C ALA B 99 21.05 -13.78 10.25
N ALA B 100 21.02 -14.34 9.04
CA ALA B 100 21.74 -15.59 8.79
C ALA B 100 23.24 -15.40 9.00
N ASP B 101 23.78 -14.24 8.59
CA ASP B 101 25.21 -14.01 8.81
C ASP B 101 25.55 -13.96 10.29
N ALA B 102 24.61 -13.57 11.13
CA ALA B 102 24.81 -13.58 12.57
C ALA B 102 24.50 -14.94 13.19
N GLY B 103 24.27 -15.96 12.37
CA GLY B 103 24.04 -17.30 12.89
C GLY B 103 22.60 -17.65 13.19
N VAL B 104 21.66 -16.80 12.83
CA VAL B 104 20.25 -17.04 13.13
C VAL B 104 19.66 -17.88 12.01
N THR B 105 18.96 -18.95 12.38
CA THR B 105 18.25 -19.79 11.42
C THR B 105 16.97 -19.08 10.97
N VAL B 106 16.78 -18.97 9.66
CA VAL B 106 15.62 -18.29 9.09
C VAL B 106 14.72 -19.31 8.40
N THR B 107 13.44 -19.32 8.81
CA THR B 107 12.39 -20.05 8.08
C THR B 107 11.24 -19.08 7.80
N THR B 108 10.35 -19.51 6.90
CA THR B 108 9.19 -18.71 6.59
C THR B 108 7.94 -19.57 6.67
N TRP B 109 6.80 -18.88 6.76
CA TRP B 109 5.49 -19.54 6.76
C TRP B 109 4.53 -18.55 6.13
N ASP B 110 3.45 -19.07 5.52
CA ASP B 110 2.34 -18.27 5.00
C ASP B 110 2.70 -17.51 3.72
N SER B 111 3.55 -16.49 3.79
CA SER B 111 4.04 -15.76 2.62
C SER B 111 5.56 -15.77 2.61
N ASP B 112 6.13 -16.31 1.55
CA ASP B 112 7.54 -16.63 1.43
C ASP B 112 8.37 -15.41 1.04
N VAL B 113 9.68 -15.60 1.08
CA VAL B 113 10.68 -14.64 0.64
C VAL B 113 11.54 -15.32 -0.42
N ASP B 114 12.56 -14.63 -0.91
CA ASP B 114 13.48 -15.23 -1.86
C ASP B 114 14.05 -16.51 -1.25
N PRO B 115 13.98 -17.66 -1.93
CA PRO B 115 14.45 -18.91 -1.32
C PRO B 115 15.91 -18.91 -0.96
N SER B 116 16.70 -17.95 -1.44
CA SER B 116 18.12 -17.90 -1.08
C SER B 116 18.35 -17.36 0.32
N VAL B 117 17.35 -16.78 0.98
CA VAL B 117 17.53 -16.15 2.28
C VAL B 117 16.69 -16.82 3.37
N ARG B 118 16.16 -18.01 3.11
CA ARG B 118 15.50 -18.80 4.16
C ARG B 118 15.73 -20.28 3.87
N LYS B 119 15.60 -21.09 4.92
CA LYS B 119 15.87 -22.53 4.74
C LYS B 119 14.63 -23.32 4.36
N VAL B 120 13.56 -23.19 5.14
CA VAL B 120 12.31 -23.90 4.86
C VAL B 120 11.17 -22.90 4.93
N MET B 121 10.26 -23.02 3.97
CA MET B 121 8.98 -22.34 3.94
C MET B 121 7.89 -23.36 4.24
N VAL B 122 6.98 -23.04 5.18
CA VAL B 122 5.80 -23.87 5.44
C VAL B 122 4.61 -23.17 4.81
N SER B 123 4.11 -23.75 3.71
CA SER B 123 3.09 -23.14 2.87
C SER B 123 1.75 -23.89 2.96
N GLN B 124 0.66 -23.11 2.95
CA GLN B 124 -0.71 -23.60 2.99
C GLN B 124 -1.15 -24.29 1.70
N GLY B 125 -0.40 -24.17 0.61
CA GLY B 125 -0.75 -24.88 -0.60
C GLY B 125 -0.09 -24.24 -1.80
N THR B 126 -0.16 -24.93 -2.94
CA THR B 126 0.41 -24.35 -4.15
C THR B 126 -0.48 -23.22 -4.65
N PRO B 127 0.07 -22.29 -5.41
CA PRO B 127 -0.78 -21.20 -5.93
C PRO B 127 -1.87 -21.72 -6.85
N GLU B 128 -1.60 -22.79 -7.60
CA GLU B 128 -2.67 -23.37 -8.43
C GLU B 128 -3.82 -23.85 -7.57
N GLN B 129 -3.51 -24.58 -6.48
CA GLN B 129 -4.54 -25.11 -5.59
C GLN B 129 -5.34 -23.98 -5.00
N LEU B 130 -4.66 -22.96 -4.48
CA LEU B 130 -5.35 -21.91 -3.75
C LEU B 130 -6.09 -20.96 -4.67
N GLY B 131 -5.51 -20.63 -5.82
CA GLY B 131 -6.22 -19.78 -6.78
C GLY B 131 -7.48 -20.45 -7.28
N GLN B 132 -7.38 -21.75 -7.59
CA GLN B 132 -8.57 -22.47 -8.07
C GLN B 132 -9.60 -22.64 -6.96
N MET B 133 -9.15 -22.84 -5.71
CA MET B 133 -10.08 -22.96 -4.60
C MET B 133 -10.91 -21.70 -4.47
N LEU B 134 -10.28 -20.54 -4.58
CA LEU B 134 -10.99 -19.26 -4.51
C LEU B 134 -12.06 -19.19 -5.58
N VAL B 135 -11.71 -19.52 -6.83
CA VAL B 135 -12.65 -19.42 -7.94
C VAL B 135 -13.79 -20.41 -7.75
N GLN B 136 -13.49 -21.62 -7.28
CA GLN B 136 -14.52 -22.63 -7.11
C GLN B 136 -15.50 -22.23 -6.01
N MET B 137 -15.00 -21.67 -4.90
CA MET B 137 -15.91 -21.22 -3.87
C MET B 137 -16.82 -20.16 -4.42
N GLY B 138 -16.28 -19.22 -5.19
CA GLY B 138 -17.13 -18.20 -5.81
C GLY B 138 -18.16 -18.80 -6.75
N TYR B 139 -17.73 -19.72 -7.62
CA TYR B 139 -18.64 -20.41 -8.53
C TYR B 139 -19.81 -21.05 -7.77
N ASP B 140 -19.51 -21.78 -6.71
CA ASP B 140 -20.56 -22.47 -5.97
C ASP B 140 -21.50 -21.46 -5.34
N SER B 141 -20.98 -20.40 -4.72
CA SER B 141 -21.88 -19.43 -4.11
C SER B 141 -22.72 -18.72 -5.16
N LEU B 142 -22.16 -18.49 -6.36
CA LEU B 142 -22.94 -17.90 -7.43
C LEU B 142 -24.10 -18.80 -7.85
N LYS B 143 -23.83 -20.09 -8.06
CA LYS B 143 -24.90 -21.04 -8.35
C LYS B 143 -25.97 -20.99 -7.28
N GLU B 144 -25.55 -20.88 -6.01
CA GLU B 144 -26.50 -20.95 -4.92
C GLU B 144 -27.42 -19.74 -4.84
N ARG B 145 -27.04 -18.62 -5.45
CA ARG B 145 -27.93 -17.46 -5.50
C ARG B 145 -28.63 -17.32 -6.84
N GLY B 146 -28.65 -18.40 -7.63
CA GLY B 146 -29.45 -18.43 -8.84
C GLY B 146 -28.72 -18.07 -10.11
N LYS B 147 -27.43 -17.82 -10.05
CA LYS B 147 -26.69 -17.46 -11.26
C LYS B 147 -26.28 -18.70 -12.04
N ASP B 148 -25.85 -18.47 -13.28
CA ASP B 148 -25.34 -19.53 -14.16
C ASP B 148 -23.90 -19.19 -14.55
N PRO B 149 -22.95 -19.37 -13.62
CA PRO B 149 -21.58 -18.92 -13.92
C PRO B 149 -20.92 -19.65 -15.05
N GLU B 150 -21.44 -20.81 -15.47
CA GLU B 150 -20.83 -21.52 -16.58
C GLU B 150 -20.96 -20.73 -17.88
N LYS B 151 -22.01 -19.89 -17.97
CA LYS B 151 -22.35 -19.13 -19.18
C LYS B 151 -22.44 -17.63 -18.99
N ASP B 152 -22.86 -17.17 -17.80
CA ASP B 152 -23.12 -15.75 -17.57
C ASP B 152 -21.82 -14.93 -17.72
N ALA B 153 -21.99 -13.67 -18.09
CA ALA B 153 -20.89 -12.71 -18.07
C ALA B 153 -20.72 -12.21 -16.63
N ILE B 154 -20.21 -13.10 -15.78
CA ILE B 154 -19.99 -12.79 -14.36
C ILE B 154 -19.01 -11.63 -14.21
N LYS B 155 -19.44 -10.56 -13.57
CA LYS B 155 -18.60 -9.40 -13.30
C LYS B 155 -17.89 -9.60 -11.96
N TYR B 156 -16.56 -9.47 -11.95
CA TYR B 156 -15.86 -9.78 -10.70
C TYR B 156 -14.60 -8.93 -10.60
N CYS B 157 -14.01 -8.93 -9.40
CA CYS B 157 -12.65 -8.42 -9.23
C CYS B 157 -12.04 -9.07 -8.00
N TRP B 158 -10.75 -8.79 -7.81
CA TRP B 158 -9.98 -9.23 -6.64
C TRP B 158 -9.81 -8.04 -5.68
N HIS B 159 -9.93 -8.32 -4.38
CA HIS B 159 -9.68 -7.34 -3.32
C HIS B 159 -8.76 -8.03 -2.31
N TYR B 160 -7.53 -7.55 -2.17
CA TYR B 160 -6.62 -8.18 -1.22
C TYR B 160 -5.69 -7.12 -0.65
N SER B 161 -4.53 -7.56 -0.12
CA SER B 161 -3.70 -6.67 0.69
C SER B 161 -2.87 -5.67 -0.14
N ASN B 162 -1.99 -6.15 -1.02
CA ASN B 162 -1.11 -5.23 -1.73
C ASN B 162 -0.55 -5.95 -2.94
N ALA B 163 0.08 -5.16 -3.81
CA ALA B 163 0.50 -5.61 -5.13
C ALA B 163 1.78 -6.42 -5.15
N THR B 164 2.50 -6.55 -4.01
CA THR B 164 3.83 -7.17 -4.04
C THR B 164 3.96 -8.41 -3.18
N VAL B 165 3.10 -8.60 -2.18
CA VAL B 165 3.26 -9.74 -1.28
C VAL B 165 3.24 -11.06 -2.04
N THR B 166 4.13 -11.97 -1.65
CA THR B 166 4.34 -13.18 -2.44
C THR B 166 3.09 -14.07 -2.48
N ASP B 167 2.52 -14.40 -1.32
CA ASP B 167 1.44 -15.39 -1.32
C ASP B 167 0.23 -14.94 -2.13
N GLN B 168 -0.34 -13.78 -1.78
CA GLN B 168 -1.65 -13.42 -2.34
C GLN B 168 -1.55 -13.11 -3.81
N ASN B 169 -0.42 -12.55 -4.25
CA ASN B 169 -0.27 -12.29 -5.67
C ASN B 169 -0.11 -13.58 -6.47
N SER B 170 0.58 -14.57 -5.91
CA SER B 170 0.71 -15.83 -6.63
C SER B 170 -0.65 -16.45 -6.87
N TRP B 171 -1.57 -16.32 -5.91
CA TRP B 171 -2.91 -16.87 -6.06
C TRP B 171 -3.71 -16.09 -7.09
N GLN B 172 -3.58 -14.77 -7.09
CA GLN B 172 -4.28 -13.96 -8.09
C GLN B 172 -3.83 -14.35 -9.49
N VAL B 173 -2.52 -14.57 -9.68
CA VAL B 173 -2.01 -14.93 -11.00
C VAL B 173 -2.64 -16.25 -11.47
N GLU B 174 -2.64 -17.26 -10.58
CA GLU B 174 -3.19 -18.56 -10.95
C GLU B 174 -4.71 -18.51 -11.09
N GLY B 175 -5.39 -17.76 -10.21
CA GLY B 175 -6.83 -17.64 -10.32
C GLY B 175 -7.27 -16.95 -11.60
N GLU B 176 -6.55 -15.90 -12.00
CA GLU B 176 -6.84 -15.22 -13.26
C GLU B 176 -6.61 -16.16 -14.46
N LYS B 177 -5.52 -16.91 -14.45
CA LYS B 177 -5.28 -17.85 -15.55
C LYS B 177 -6.42 -18.85 -15.64
N TYR B 178 -6.86 -19.37 -14.49
CA TYR B 178 -7.95 -20.35 -14.44
C TYR B 178 -9.27 -19.73 -14.93
N ILE B 179 -9.59 -18.53 -14.48
CA ILE B 179 -10.82 -17.90 -14.96
C ILE B 179 -10.75 -17.67 -16.46
N LYS B 180 -9.62 -17.15 -16.95
CA LYS B 180 -9.58 -16.85 -18.39
C LYS B 180 -9.67 -18.10 -19.25
N SER B 181 -9.20 -19.23 -18.74
CA SER B 181 -9.26 -20.49 -19.48
C SER B 181 -10.64 -21.13 -19.39
N LYS B 182 -11.17 -21.26 -18.19
CA LYS B 182 -12.40 -22.00 -17.95
C LYS B 182 -13.65 -21.15 -18.09
N TYR B 183 -13.57 -19.87 -17.73
CA TYR B 183 -14.72 -18.97 -17.70
C TYR B 183 -14.41 -17.72 -18.52
N PRO B 184 -14.17 -17.87 -19.82
CA PRO B 184 -13.79 -16.70 -20.64
C PRO B 184 -14.86 -15.63 -20.71
N ASN B 185 -16.13 -15.93 -20.42
CA ASN B 185 -17.14 -14.89 -20.46
C ASN B 185 -17.12 -14.02 -19.21
N TRP B 186 -16.47 -14.45 -18.13
CA TRP B 186 -16.37 -13.56 -16.97
C TRP B 186 -15.59 -12.30 -17.34
N GLN B 187 -15.93 -11.20 -16.69
CA GLN B 187 -15.29 -9.90 -16.93
C GLN B 187 -14.71 -9.38 -15.64
N ASN B 188 -13.39 -9.19 -15.62
CA ASN B 188 -12.76 -8.53 -14.47
C ASN B 188 -13.01 -7.04 -14.61
N VAL B 189 -13.86 -6.50 -13.73
CA VAL B 189 -14.24 -5.10 -13.86
C VAL B 189 -13.24 -4.16 -13.23
N ALA B 190 -12.17 -4.68 -12.60
CA ALA B 190 -11.12 -3.83 -12.00
C ALA B 190 -9.80 -4.57 -12.06
N PRO B 191 -9.19 -4.66 -13.25
CA PRO B 191 -7.99 -5.51 -13.39
C PRO B 191 -6.79 -5.03 -12.60
N ASP B 192 -6.78 -3.77 -12.12
CA ASP B 192 -5.70 -3.35 -11.24
C ASP B 192 -5.72 -4.09 -9.89
N ASN B 193 -6.87 -4.67 -9.52
CA ASN B 193 -7.19 -5.17 -8.21
C ASN B 193 -7.43 -4.01 -7.25
N TYR B 194 -8.19 -4.25 -6.20
CA TYR B 194 -8.32 -3.31 -5.10
C TYR B 194 -7.46 -3.80 -3.93
N TYR B 195 -6.80 -2.86 -3.26
CA TYR B 195 -5.90 -3.19 -2.16
C TYR B 195 -6.29 -2.42 -0.92
N SER B 196 -6.30 -3.10 0.23
CA SER B 196 -6.63 -2.44 1.48
C SER B 196 -5.55 -2.60 2.55
N ASN B 197 -4.38 -3.15 2.21
CA ASN B 197 -3.16 -2.98 3.00
C ASN B 197 -3.26 -3.61 4.37
N GLN B 198 -4.14 -4.59 4.55
CA GLN B 198 -4.35 -5.28 5.82
C GLN B 198 -4.81 -4.35 6.94
N ASP B 199 -5.39 -3.22 6.57
CA ASP B 199 -5.92 -2.28 7.53
C ASP B 199 -7.44 -2.45 7.57
N ALA B 200 -7.99 -2.80 8.73
CA ALA B 200 -9.39 -3.19 8.82
C ALA B 200 -10.33 -2.06 8.39
N GLU B 201 -10.02 -0.82 8.77
CA GLU B 201 -10.89 0.29 8.36
C GLU B 201 -10.80 0.49 6.86
N GLN B 202 -9.60 0.37 6.27
CA GLN B 202 -9.48 0.56 4.83
C GLN B 202 -10.15 -0.57 4.06
N ALA B 203 -10.16 -1.80 4.61
CA ALA B 203 -10.83 -2.88 3.91
C ALA B 203 -12.34 -2.62 3.82
N ILE B 204 -12.94 -2.03 4.87
CA ILE B 204 -14.36 -1.68 4.78
C ILE B 204 -14.57 -0.57 3.76
N SER B 205 -13.73 0.45 3.82
CA SER B 205 -13.92 1.60 2.94
C SER B 205 -13.67 1.23 1.48
N VAL B 206 -12.62 0.45 1.22
CA VAL B 206 -12.40 -0.06 -0.13
C VAL B 206 -13.57 -0.95 -0.54
N GLY B 207 -14.04 -1.80 0.39
CA GLY B 207 -15.14 -2.68 0.07
C GLY B 207 -16.39 -1.90 -0.34
N GLU B 208 -16.63 -0.76 0.32
CA GLU B 208 -17.75 0.10 -0.05
C GLU B 208 -17.52 0.75 -1.40
N SER B 209 -16.26 1.14 -1.70
CA SER B 209 -15.97 1.75 -3.00
C SER B 209 -16.17 0.75 -4.13
N ILE B 210 -15.83 -0.52 -3.92
CA ILE B 210 -16.04 -1.51 -4.97
C ILE B 210 -17.53 -1.61 -5.28
N LEU B 211 -18.36 -1.70 -4.25
CA LEU B 211 -19.79 -1.87 -4.46
C LEU B 211 -20.40 -0.64 -5.07
N SER B 212 -19.92 0.54 -4.70
CA SER B 212 -20.51 1.78 -5.22
C SER B 212 -20.09 2.04 -6.66
N ALA B 213 -18.84 1.72 -7.01
CA ALA B 213 -18.32 1.99 -8.34
C ALA B 213 -18.69 0.88 -9.32
N HIS B 214 -19.01 -0.31 -8.84
CA HIS B 214 -19.31 -1.45 -9.68
C HIS B 214 -20.61 -2.05 -9.14
N SER B 215 -21.71 -1.32 -9.31
CA SER B 215 -22.91 -1.82 -8.66
C SER B 215 -23.46 -3.08 -9.33
N ASP B 216 -23.01 -3.40 -10.55
CA ASP B 216 -23.36 -4.63 -11.23
C ASP B 216 -22.43 -5.78 -10.90
N ILE B 217 -21.54 -5.63 -9.93
CA ILE B 217 -20.58 -6.69 -9.68
C ILE B 217 -21.29 -7.92 -9.14
N ASP B 218 -20.81 -9.10 -9.57
CA ASP B 218 -21.38 -10.37 -9.15
C ASP B 218 -20.56 -11.06 -8.08
N LEU B 219 -19.24 -10.91 -8.13
CA LEU B 219 -18.31 -11.70 -7.34
C LEU B 219 -17.12 -10.84 -6.95
N ILE B 220 -16.79 -10.84 -5.66
CA ILE B 220 -15.58 -10.17 -5.18
C ILE B 220 -14.74 -11.21 -4.47
N ILE B 221 -13.54 -11.47 -5.01
CA ILE B 221 -12.64 -12.49 -4.48
C ILE B 221 -11.67 -11.79 -3.52
N CYS B 222 -11.81 -12.10 -2.23
CA CYS B 222 -11.08 -11.39 -1.17
C CYS B 222 -10.05 -12.34 -0.54
N ASN B 223 -8.94 -12.53 -1.25
CA ASN B 223 -7.89 -13.48 -0.86
C ASN B 223 -6.95 -12.88 0.20
N ASP B 224 -7.53 -12.38 1.30
CA ASP B 224 -6.78 -11.77 2.37
C ASP B 224 -7.68 -11.70 3.60
N SER B 225 -7.10 -11.93 4.78
CA SER B 225 -7.88 -12.11 5.99
C SER B 225 -8.43 -10.79 6.55
N THR B 226 -8.00 -9.65 6.02
CA THR B 226 -8.60 -8.38 6.35
C THR B 226 -9.61 -7.96 5.29
N ALA B 227 -9.27 -8.13 4.01
CA ALA B 227 -10.18 -7.75 2.93
C ALA B 227 -11.50 -8.49 3.04
N LEU B 228 -11.47 -9.79 3.37
CA LEU B 228 -12.72 -10.54 3.39
C LEU B 228 -13.71 -10.05 4.44
N PRO B 229 -13.36 -9.91 5.72
CA PRO B 229 -14.36 -9.36 6.66
C PRO B 229 -14.69 -7.92 6.32
N GLY B 230 -13.72 -7.14 5.81
CA GLY B 230 -14.03 -5.76 5.49
C GLY B 230 -15.04 -5.67 4.36
N GLN B 231 -14.91 -6.55 3.36
CA GLN B 231 -15.83 -6.57 2.23
C GLN B 231 -17.21 -7.03 2.65
N ALA B 232 -17.29 -8.03 3.54
CA ALA B 232 -18.58 -8.42 4.09
C ALA B 232 -19.21 -7.29 4.88
N GLN B 233 -18.43 -6.60 5.70
CA GLN B 233 -18.97 -5.46 6.43
C GLN B 233 -19.48 -4.38 5.48
N ALA B 234 -18.75 -4.12 4.40
CA ALA B 234 -19.18 -3.13 3.44
C ALA B 234 -20.53 -3.51 2.84
N ALA B 235 -20.71 -4.78 2.47
CA ALA B 235 -22.00 -5.20 1.91
C ALA B 235 -23.10 -5.05 2.94
N GLN B 236 -22.85 -5.48 4.17
CA GLN B 236 -23.85 -5.35 5.22
C GLN B 236 -24.21 -3.87 5.45
N ASN B 237 -23.21 -2.99 5.43
CA ASN B 237 -23.46 -1.58 5.66
C ASN B 237 -24.33 -0.99 4.57
N LYS B 238 -24.27 -1.51 3.36
CA LYS B 238 -25.05 -1.05 2.24
C LYS B 238 -26.36 -1.81 2.11
N GLY B 239 -26.71 -2.63 3.09
CA GLY B 239 -27.98 -3.35 3.08
C GLY B 239 -28.05 -4.45 2.04
N LEU B 240 -26.90 -5.00 1.67
CA LEU B 240 -26.84 -6.14 0.77
C LEU B 240 -26.63 -7.44 1.55
N THR B 241 -27.01 -8.55 0.90
CA THR B 241 -26.80 -9.87 1.45
C THR B 241 -26.10 -10.75 0.43
N ALA B 242 -25.85 -12.01 0.83
CA ALA B 242 -25.30 -12.99 -0.10
C ALA B 242 -26.19 -13.19 -1.32
N LYS B 243 -27.49 -12.93 -1.20
CA LYS B 243 -28.36 -13.06 -2.37
C LYS B 243 -28.11 -11.94 -3.38
N ASN B 244 -27.60 -10.78 -2.94
CA ASN B 244 -27.34 -9.67 -3.86
C ASN B 244 -26.00 -9.83 -4.59
N VAL B 245 -24.97 -10.26 -3.90
CA VAL B 245 -23.60 -10.24 -4.42
C VAL B 245 -22.81 -11.34 -3.71
N THR B 246 -21.93 -12.00 -4.45
CA THR B 246 -21.13 -13.09 -3.89
C THR B 246 -19.76 -12.58 -3.47
N ILE B 247 -19.46 -12.74 -2.20
CA ILE B 247 -18.17 -12.42 -1.62
C ILE B 247 -17.58 -13.71 -1.11
N THR B 248 -16.34 -14.02 -1.51
CA THR B 248 -15.64 -15.16 -0.92
C THR B 248 -14.19 -14.76 -0.70
N GLY B 249 -13.41 -15.67 -0.12
CA GLY B 249 -12.01 -15.35 0.15
C GLY B 249 -11.47 -16.26 1.24
N PHE B 250 -10.42 -15.77 1.89
CA PHE B 250 -9.73 -16.52 2.94
C PHE B 250 -9.74 -15.74 4.26
N ALA B 251 -10.16 -16.40 5.35
CA ALA B 251 -10.08 -15.83 6.69
C ALA B 251 -10.34 -16.95 7.70
N SER B 252 -9.78 -16.80 8.89
CA SER B 252 -10.07 -17.75 9.95
C SER B 252 -11.55 -17.68 10.33
N PRO B 253 -12.16 -18.80 10.72
CA PRO B 253 -13.64 -18.86 10.71
C PRO B 253 -14.31 -18.02 11.79
N ASN B 254 -13.71 -17.90 12.98
CA ASN B 254 -14.36 -17.12 14.02
C ASN B 254 -14.63 -15.69 13.55
N SER B 255 -13.72 -15.11 12.75
CA SER B 255 -13.85 -13.74 12.30
C SER B 255 -15.01 -13.55 11.33
N MET B 256 -15.52 -14.64 10.73
CA MET B 256 -16.58 -14.56 9.72
C MET B 256 -17.92 -15.13 10.18
N LYS B 257 -17.98 -15.77 11.34
CA LYS B 257 -19.20 -16.48 11.73
C LYS B 257 -20.40 -15.54 11.78
N GLN B 258 -20.24 -14.35 12.36
CA GLN B 258 -21.41 -13.48 12.45
C GLN B 258 -21.87 -13.02 11.06
N TYR B 259 -20.94 -12.71 10.16
CA TYR B 259 -21.33 -12.36 8.80
C TYR B 259 -22.11 -13.49 8.15
N CYS B 260 -21.69 -14.72 8.39
CA CYS B 260 -22.34 -15.85 7.77
C CYS B 260 -23.71 -16.10 8.40
N ASN B 261 -23.81 -15.99 9.73
CA ASN B 261 -25.12 -16.13 10.38
C ASN B 261 -26.09 -15.03 9.94
N ASP B 262 -25.57 -13.83 9.66
CA ASP B 262 -26.38 -12.72 9.19
C ASP B 262 -26.68 -12.79 7.70
N GLY B 263 -26.22 -13.85 7.01
CA GLY B 263 -26.57 -14.03 5.62
C GLY B 263 -25.79 -13.15 4.67
N ILE B 264 -24.65 -12.60 5.10
CA ILE B 264 -23.89 -11.69 4.25
C ILE B 264 -23.05 -12.44 3.22
N LEU B 265 -22.54 -13.63 3.56
CA LEU B 265 -21.83 -14.45 2.60
C LEU B 265 -22.10 -15.89 2.92
N THR B 266 -21.94 -16.74 1.90
CA THR B 266 -22.24 -18.17 1.99
C THR B 266 -21.02 -19.00 2.31
N ARG B 267 -19.85 -18.64 1.78
CA ARG B 267 -18.74 -19.59 1.75
C ARG B 267 -17.42 -18.84 1.69
N TRP B 268 -16.45 -19.36 2.46
CA TRP B 268 -15.08 -18.85 2.42
C TRP B 268 -14.19 -20.00 2.85
N GLY B 269 -12.86 -19.80 2.80
CA GLY B 269 -11.93 -20.89 3.07
C GLY B 269 -10.76 -20.46 3.94
N LEU B 270 -10.05 -21.46 4.41
CA LEU B 270 -8.72 -21.29 4.98
C LEU B 270 -8.09 -22.66 5.09
N TRP B 271 -7.45 -22.93 6.23
CA TRP B 271 -6.62 -24.10 6.49
C TRP B 271 -6.24 -23.98 7.97
N ASP B 272 -5.53 -24.96 8.51
CA ASP B 272 -5.23 -24.94 9.94
C ASP B 272 -4.00 -24.04 10.19
N CYS B 273 -4.25 -22.73 10.36
CA CYS B 273 -3.13 -21.80 10.53
C CYS B 273 -2.42 -21.96 11.86
N GLY B 274 -3.08 -22.50 12.89
CA GLY B 274 -2.39 -22.79 14.13
C GLY B 274 -1.35 -23.88 13.97
N ILE B 275 -1.70 -24.99 13.32
CA ILE B 275 -0.70 -26.02 13.08
C ILE B 275 0.38 -25.52 12.13
N GLN B 276 0.01 -24.66 11.17
CA GLN B 276 0.97 -24.12 10.22
C GLN B 276 2.01 -23.26 10.93
N GLY B 277 1.56 -22.33 11.78
CA GLY B 277 2.51 -21.52 12.54
C GLY B 277 3.39 -22.41 13.40
N ALA B 278 2.79 -23.40 14.05
CA ALA B 278 3.55 -24.33 14.88
C ALA B 278 4.59 -25.08 14.05
N MET B 279 4.21 -25.56 12.86
CA MET B 279 5.15 -26.26 11.99
C MET B 279 6.29 -25.35 11.55
N GLY B 280 5.99 -24.10 11.17
CA GLY B 280 7.07 -23.20 10.81
C GLY B 280 8.06 -23.01 11.94
N CYS B 281 7.56 -22.86 13.16
CA CYS B 281 8.43 -22.70 14.32
C CYS B 281 9.20 -23.97 14.62
N TYR B 282 8.56 -25.13 14.44
CA TYR B 282 9.26 -26.39 14.66
C TYR B 282 10.44 -26.54 13.70
N MET B 283 10.24 -26.19 12.42
CA MET B 283 11.33 -26.38 11.46
C MET B 283 12.49 -25.46 11.80
N ALA B 284 12.20 -24.23 12.24
CA ALA B 284 13.24 -23.32 12.68
C ALA B 284 13.97 -23.87 13.89
N TYR B 285 13.23 -24.40 14.86
CA TYR B 285 13.86 -24.97 16.06
C TYR B 285 14.70 -26.19 15.70
N TYR B 286 14.18 -27.04 14.82
CA TYR B 286 14.85 -28.28 14.43
C TYR B 286 16.20 -27.97 13.76
N ILE B 287 16.21 -27.03 12.82
CA ILE B 287 17.45 -26.62 12.17
C ILE B 287 18.38 -25.95 13.16
N ALA B 288 17.86 -25.01 13.95
CA ALA B 288 18.70 -24.28 14.90
C ALA B 288 19.34 -25.22 15.92
N SER B 289 18.72 -26.36 16.19
CA SER B 289 19.24 -27.36 17.10
C SER B 289 20.33 -28.22 16.48
N GLY B 290 20.65 -27.99 15.22
CA GLY B 290 21.73 -28.70 14.57
C GLY B 290 21.32 -29.88 13.72
N ASN B 291 20.03 -30.11 13.51
CA ASN B 291 19.57 -31.19 12.66
C ASN B 291 19.55 -30.75 11.22
N SER B 292 20.05 -31.58 10.33
CA SER B 292 20.11 -31.22 8.92
C SER B 292 18.75 -31.43 8.27
N VAL B 293 18.41 -30.53 7.36
CA VAL B 293 17.16 -30.60 6.62
C VAL B 293 17.49 -30.36 5.16
N LYS B 294 17.14 -31.32 4.30
CA LYS B 294 17.38 -31.22 2.86
C LYS B 294 16.13 -31.63 2.12
N VAL B 295 15.98 -31.11 0.90
CA VAL B 295 14.88 -31.53 0.04
C VAL B 295 14.85 -33.06 -0.04
N GLY B 296 13.64 -33.62 0.02
CA GLY B 296 13.46 -35.07 0.02
C GLY B 296 13.37 -35.70 1.39
N ASP B 297 13.77 -34.99 2.44
CA ASP B 297 13.72 -35.55 3.78
C ASP B 297 12.28 -35.68 4.25
N LYS B 298 12.01 -36.75 5.00
CA LYS B 298 10.77 -36.93 5.73
C LYS B 298 11.09 -36.76 7.20
N ILE B 299 10.43 -35.80 7.84
CA ILE B 299 10.73 -35.39 9.20
C ILE B 299 9.48 -35.60 10.04
N GLU B 300 9.63 -36.29 11.17
CA GLU B 300 8.52 -36.57 12.06
C GLU B 300 8.42 -35.43 13.08
N ILE B 301 7.38 -34.61 12.95
CA ILE B 301 7.11 -33.53 13.89
C ILE B 301 6.21 -34.08 14.98
N PRO B 302 6.67 -34.18 16.23
CA PRO B 302 5.90 -34.85 17.28
C PRO B 302 4.52 -34.24 17.46
N THR B 303 3.51 -35.11 17.52
CA THR B 303 2.10 -34.77 17.68
C THR B 303 1.48 -34.13 16.44
N VAL B 304 2.25 -33.88 15.39
CA VAL B 304 1.73 -33.35 14.14
C VAL B 304 1.76 -34.40 13.03
N GLY B 305 2.89 -35.07 12.88
CA GLY B 305 3.05 -36.10 11.88
C GLY B 305 4.30 -35.88 11.08
N THR B 306 4.44 -36.67 10.02
CA THR B 306 5.63 -36.65 9.19
C THR B 306 5.42 -35.72 8.01
N VAL B 307 6.38 -34.84 7.78
CA VAL B 307 6.34 -33.89 6.68
C VAL B 307 7.47 -34.21 5.71
N GLU B 308 7.27 -33.85 4.46
CA GLU B 308 8.28 -34.03 3.43
C GLU B 308 8.70 -32.66 2.90
N VAL B 309 10.00 -32.46 2.76
CA VAL B 309 10.54 -31.22 2.25
C VAL B 309 10.59 -31.31 0.73
N MET B 310 9.90 -30.40 0.07
CA MET B 310 9.77 -30.36 -1.38
C MET B 310 10.70 -29.31 -1.95
N PRO B 311 11.04 -29.42 -3.24
CA PRO B 311 11.82 -28.36 -3.88
C PRO B 311 11.05 -27.04 -3.91
N ASN B 312 11.82 -25.95 -3.90
CA ASN B 312 11.23 -24.61 -3.99
C ASN B 312 10.28 -24.46 -5.16
N SER B 313 10.53 -25.19 -6.26
CA SER B 313 9.74 -25.00 -7.46
C SER B 313 8.30 -25.49 -7.31
N VAL B 314 7.96 -26.17 -6.21
CA VAL B 314 6.54 -26.52 -5.99
C VAL B 314 5.66 -25.27 -5.87
N LEU B 315 6.23 -24.14 -5.47
CA LEU B 315 5.44 -22.92 -5.35
C LEU B 315 5.62 -21.97 -6.54
N ASP B 316 6.66 -22.17 -7.35
CA ASP B 316 6.92 -21.30 -8.48
C ASP B 316 7.84 -22.08 -9.40
N PRO B 317 7.41 -22.41 -10.63
CA PRO B 317 8.24 -23.25 -11.50
C PRO B 317 9.61 -22.66 -11.82
N LYS B 318 9.79 -21.36 -11.67
CA LYS B 318 11.05 -20.69 -11.95
C LYS B 318 11.98 -20.64 -10.74
N ALA B 319 11.55 -21.14 -9.59
CA ALA B 319 12.36 -21.04 -8.39
C ALA B 319 13.61 -21.90 -8.49
N ASP B 320 14.62 -21.50 -7.74
CA ASP B 320 15.91 -22.17 -7.75
C ASP B 320 15.84 -23.44 -6.91
N ASP B 321 16.13 -24.59 -7.53
CA ASP B 321 16.13 -25.88 -6.86
C ASP B 321 17.54 -26.38 -6.62
N SER B 322 18.57 -25.57 -6.91
CA SER B 322 19.94 -26.07 -6.93
C SER B 322 20.57 -26.19 -5.54
N ASP B 323 19.99 -25.57 -4.52
CA ASP B 323 20.45 -25.70 -3.15
C ASP B 323 19.45 -26.60 -2.42
N THR B 324 19.87 -27.84 -2.11
CA THR B 324 18.91 -28.75 -1.49
C THR B 324 18.70 -28.48 0.01
N SER B 325 19.38 -27.50 0.60
CA SER B 325 19.05 -27.08 1.96
C SER B 325 17.93 -26.04 2.01
N SER B 326 17.32 -25.73 0.87
CA SER B 326 16.27 -24.72 0.79
C SER B 326 15.06 -25.39 0.15
N GLY B 327 13.93 -25.41 0.85
CA GLY B 327 12.79 -26.15 0.38
C GLY B 327 11.50 -25.75 1.05
N VAL B 328 10.44 -26.49 0.73
CA VAL B 328 9.07 -26.11 1.07
C VAL B 328 8.35 -27.31 1.70
N VAL B 329 7.63 -27.07 2.78
CA VAL B 329 6.71 -28.04 3.38
C VAL B 329 5.28 -27.56 3.10
N LEU B 330 4.44 -28.44 2.56
CA LEU B 330 3.09 -28.07 2.17
C LEU B 330 2.08 -28.68 3.14
N LEU B 331 1.10 -27.87 3.59
CA LEU B 331 0.00 -28.43 4.37
C LEU B 331 -0.79 -29.41 3.51
N PRO B 332 -1.25 -30.53 4.08
CA PRO B 332 -1.95 -31.53 3.27
C PRO B 332 -3.41 -31.21 3.00
N GLU B 333 -4.01 -30.24 3.69
CA GLU B 333 -5.43 -29.99 3.54
C GLU B 333 -5.71 -28.50 3.62
N ARG B 334 -6.73 -28.08 2.87
CA ARG B 334 -7.38 -26.80 3.03
C ARG B 334 -8.84 -27.01 3.37
N THR B 335 -9.52 -25.97 3.86
CA THR B 335 -10.85 -26.10 4.45
C THR B 335 -11.80 -25.08 3.86
N ILE B 336 -13.00 -25.52 3.47
CA ILE B 336 -14.07 -24.66 3.01
C ILE B 336 -15.12 -24.58 4.09
N PHE B 337 -15.48 -23.35 4.48
CA PHE B 337 -16.46 -23.07 5.52
C PHE B 337 -17.77 -22.59 4.92
N THR B 338 -18.85 -23.10 5.50
CA THR B 338 -20.21 -22.59 5.27
C THR B 338 -20.89 -22.54 6.63
N LYS B 339 -22.13 -22.04 6.66
CA LYS B 339 -22.85 -21.96 7.92
C LYS B 339 -23.01 -23.34 8.54
N ASP B 340 -23.09 -24.39 7.71
CA ASP B 340 -23.37 -25.70 8.28
C ASP B 340 -22.15 -26.43 8.86
N ASN B 341 -20.91 -25.94 8.62
CA ASN B 341 -19.78 -26.53 9.31
C ASN B 341 -18.92 -25.54 10.08
N MET B 342 -19.19 -24.24 9.99
CA MET B 342 -18.27 -23.27 10.60
C MET B 342 -18.18 -23.44 12.11
N ASN B 343 -19.25 -23.90 12.75
CA ASN B 343 -19.28 -24.02 14.20
C ASN B 343 -18.52 -25.23 14.70
N ASN B 344 -17.98 -26.05 13.79
CA ASN B 344 -17.07 -27.12 14.17
C ASN B 344 -15.65 -26.61 14.41
N TYR B 345 -15.40 -25.34 14.17
CA TYR B 345 -14.06 -24.77 14.31
C TYR B 345 -14.10 -23.66 15.35
N ASP B 346 -12.95 -23.45 16.02
CA ASP B 346 -12.85 -22.42 17.03
C ASP B 346 -11.47 -21.76 16.91
N PHE B 347 -11.27 -21.04 15.79
CA PHE B 347 -10.05 -20.25 15.58
C PHE B 347 -10.30 -19.17 14.55
O2 PAV C . 2.88 15.71 -0.37
C2 PAV C . 1.57 15.85 -0.96
C1 PAV C . 0.87 17.17 -0.55
O5 PAV C . 0.73 14.79 -0.21
C5 PAV C . -0.30 14.47 -1.04
C4 PAV C . -0.04 15.12 -2.40
O4 PAV C . -0.30 14.19 -3.46
C3 PAV C . 1.43 15.53 -2.27
O3 PAV C . 1.70 16.66 -3.07
O13 PAV C . 2.27 14.46 -2.61
O2 PAV D . -5.16 -14.81 2.92
C2 PAV D . -4.38 -14.77 4.13
C1 PAV D . -5.07 -15.56 5.24
O5 PAV D . -4.51 -13.31 4.58
C5 PAV D . -3.45 -12.98 5.35
C4 PAV D . -2.46 -14.16 5.26
O4 PAV D . -1.14 -13.66 5.09
C3 PAV D . -3.05 -14.92 4.05
O3 PAV D . -2.70 -16.29 4.18
O13 PAV D . -2.51 -14.39 2.86
#